data_8U6F
#
_entry.id   8U6F
#
_cell.length_a   162.969
_cell.length_b   74.363
_cell.length_c   109.503
_cell.angle_alpha   90.00
_cell.angle_beta   99.89
_cell.angle_gamma   90.00
#
_symmetry.space_group_name_H-M   'C 1 2 1'
#
loop_
_entity.id
_entity.type
_entity.pdbx_description
1 polymer 'Reverse transcriptase/ribonuclease H'
2 polymer 'p51 RT'
3 non-polymer N-{2-[5-chloro-2-(3-chloro-5-cyanophenoxy)phenoxy]ethyl}-N-methylprop-2-enamide
4 water water
#
loop_
_entity_poly.entity_id
_entity_poly.type
_entity_poly.pdbx_seq_one_letter_code
_entity_poly.pdbx_strand_id
1 'polypeptide(L)'
;MVPISPIETVPVKLKPGMDGPKVKQWPLTEEKIKALVEICTEMEKEGKISKIGPENPYNTPVFAIKKKDSTKWRKLVDFR
ELNKRTQDFWEVQLGIPHPAGLKKKKSVTVLDVGDAYFSVPLDEDFRKYTAFTIPSINNETPGIRYQYNVLPQGWKGSPA
IFQSSMTKILEPFAAQNPDIVIYQYMDDLYVGSDLEIGQHRTKIEELRQHLLRWGLTTPDKKHQKEPPFLWMGYELHPDK
WTVQPIVLPEKDSWTVNDIQKLVGKLNWASQIYPGIKVRQLSKLLRGTKALTEVIPLTEEAELELAENREILKEPVHGVY
YDPSKDLIAEIQKQGQGQWTYQIYQEPFKNLKTGKYARMRGAHTNDVKQLTEAVQKITTESIVIWGKTPKFKLPIQKETW
ETWWTEYWQATWIPEWEFVNTPPLVKLWYQLEKEPIVGAETFYVDGAANRETKLGKAGYVTNKGRQKVVPLTNTTNQKTE
LQAIYLALQDSGLEVNIVTDSQYALGIIQAQPDKSESELVNQIIEQLIKKEKVYLAWVPAHKGIGGNEQVDKLV
;
A
2 'polypeptide(L)'
;PISPIETVPVKLKPGMDGPKVKQWPLTEEKIKALVEICTEMEKEGKISKIGPENPYNTPVFAIKKKDSTKWRKLVDFREL
NKRTQDFWEVQLGIPHPAGLKKKKSVTVLDVGDAYFSVPLDEDFRKYTAFTIPSINNETPGIRYQYNVLPQGWKGSPAIF
QSSMTKILEPFKKQNPDIVIYQYMDDLYVGSDLEIGQHRTKIEELRQHLLRWGLTTPDKKHQKEPPFLWMGYELHPDKWT
VQPIVLPEKDSWTVNDIQKLVGKLNWASQIYPGIKVRQLSKLLRGTKALTEVIPLTEEAELELAENREILKEPVHGVYYD
PSKDLIAEIQKQGQGQWTYQIYQEPFKNLKTGKYARMRGAHTNDVKQLTEAVQKITTESIVIWGKTPKFKLPIQKETWET
WWTEYWQATWIPEWEFVNTPPLVKLWYQ
;
B
#
loop_
_chem_comp.id
_chem_comp.type
_chem_comp.name
_chem_comp.formula
VU8 non-polymer N-{2-[5-chloro-2-(3-chloro-5-cyanophenoxy)phenoxy]ethyl}-N-methylprop-2-enamide 'C19 H16 Cl2 N2 O3'
#
# COMPACT_ATOMS: atom_id res chain seq x y z
N MET A 1 -29.22 45.12 17.74
CA MET A 1 -28.25 44.02 17.68
C MET A 1 -28.93 42.66 17.45
N VAL A 2 -28.43 41.92 16.47
CA VAL A 2 -28.89 40.56 16.18
C VAL A 2 -27.84 39.61 16.76
N PRO A 3 -28.23 38.69 17.65
CA PRO A 3 -27.22 37.84 18.29
C PRO A 3 -26.61 36.85 17.30
N ILE A 4 -25.29 36.83 17.29
CA ILE A 4 -24.51 35.90 16.48
C ILE A 4 -24.42 34.58 17.24
N SER A 5 -24.65 33.47 16.55
CA SER A 5 -24.47 32.19 17.20
C SER A 5 -23.00 31.98 17.55
N PRO A 6 -22.70 31.39 18.71
CA PRO A 6 -21.29 31.24 19.12
C PRO A 6 -20.59 30.06 18.45
N ILE A 7 -19.27 30.20 18.34
CA ILE A 7 -18.41 29.20 17.72
C ILE A 7 -17.73 28.43 18.83
N GLU A 8 -18.09 27.15 18.97
CA GLU A 8 -17.54 26.28 20.02
C GLU A 8 -16.03 26.25 19.98
N THR A 9 -15.39 26.43 21.13
CA THR A 9 -13.93 26.34 21.12
C THR A 9 -13.51 24.88 20.90
N VAL A 10 -12.24 24.72 20.54
CA VAL A 10 -11.62 23.42 20.32
C VAL A 10 -10.73 23.13 21.54
N PRO A 11 -11.03 22.10 22.34
CA PRO A 11 -10.12 21.71 23.43
C PRO A 11 -8.68 21.55 22.98
N VAL A 12 -7.76 22.41 23.48
CA VAL A 12 -6.36 22.36 23.07
C VAL A 12 -5.47 22.24 24.31
N LYS A 13 -4.50 21.33 24.24
CA LYS A 13 -3.49 21.12 25.26
C LYS A 13 -2.11 21.21 24.61
N LEU A 14 -1.06 21.23 25.44
CA LEU A 14 0.30 21.21 24.95
C LEU A 14 0.81 19.78 24.96
N LYS A 15 2.05 19.60 24.50
CA LYS A 15 2.66 18.28 24.54
C LYS A 15 2.88 17.87 26.00
N PRO A 16 2.80 16.57 26.30
CA PRO A 16 2.88 16.13 27.70
C PRO A 16 4.27 16.39 28.28
N GLY A 17 4.31 16.74 29.56
CA GLY A 17 5.58 17.01 30.21
C GLY A 17 6.13 18.39 29.92
N MET A 18 5.92 18.88 28.70
CA MET A 18 6.36 20.26 28.36
C MET A 18 5.33 21.24 28.93
N ASP A 19 5.73 22.05 29.92
CA ASP A 19 4.79 23.00 30.58
C ASP A 19 4.37 24.09 29.61
N GLY A 20 5.33 24.65 28.85
CA GLY A 20 5.01 25.76 27.94
C GLY A 20 6.23 26.61 27.62
N PRO A 21 6.07 27.85 27.11
CA PRO A 21 7.20 28.67 26.70
C PRO A 21 7.52 29.93 27.54
N LYS A 22 8.77 30.40 27.47
CA LYS A 22 9.18 31.65 28.17
C LYS A 22 10.33 32.24 27.36
N VAL A 23 10.10 33.37 26.69
CA VAL A 23 11.12 33.90 25.77
C VAL A 23 11.42 35.36 26.10
N LYS A 24 12.70 35.71 25.98
CA LYS A 24 13.16 37.06 26.23
C LYS A 24 12.59 38.02 25.19
N GLN A 25 11.87 39.03 25.65
CA GLN A 25 11.43 40.09 24.76
C GLN A 25 12.64 40.86 24.24
N TRP A 26 12.77 40.92 22.90
CA TRP A 26 13.96 41.48 22.27
C TRP A 26 14.04 43.01 22.47
N PRO A 27 15.25 43.57 22.51
CA PRO A 27 15.38 45.03 22.58
C PRO A 27 15.00 45.69 21.26
N LEU A 28 13.98 46.54 21.31
CA LEU A 28 13.41 47.15 20.12
C LEU A 28 13.87 48.60 19.95
N THR A 29 13.29 49.30 18.96
CA THR A 29 13.51 50.72 18.68
C THR A 29 12.24 51.50 19.03
N GLU A 30 12.43 52.77 19.43
CA GLU A 30 11.31 53.55 19.97
C GLU A 30 10.20 53.75 18.94
N GLU A 31 10.56 53.84 17.66
CA GLU A 31 9.54 53.87 16.62
C GLU A 31 8.72 52.58 16.62
N LYS A 32 9.42 51.43 16.66
CA LYS A 32 8.74 50.13 16.65
C LYS A 32 7.82 49.99 17.86
N ILE A 33 8.26 50.49 19.03
CA ILE A 33 7.45 50.46 20.24
C ILE A 33 6.26 51.39 20.13
N LYS A 34 6.47 52.60 19.56
CA LYS A 34 5.38 53.55 19.37
C LYS A 34 4.32 53.00 18.42
N ALA A 35 4.74 52.29 17.38
CA ALA A 35 3.82 51.71 16.41
C ALA A 35 3.03 50.55 17.02
N LEU A 36 3.72 49.64 17.72
CA LEU A 36 3.08 48.41 18.18
C LEU A 36 2.00 48.68 19.21
N VAL A 37 2.13 49.75 20.01
CA VAL A 37 1.10 50.07 21.00
C VAL A 37 -0.19 50.48 20.31
N GLU A 38 -0.08 51.14 19.15
CA GLU A 38 -1.26 51.59 18.42
C GLU A 38 -2.12 50.41 17.98
N ILE A 39 -1.48 49.38 17.42
CA ILE A 39 -2.21 48.21 16.94
C ILE A 39 -2.90 47.51 18.10
N CYS A 40 -2.14 47.21 19.17
CA CYS A 40 -2.68 46.42 20.28
C CYS A 40 -3.84 47.14 20.94
N THR A 41 -3.78 48.47 21.04
CA THR A 41 -4.89 49.23 21.59
C THR A 41 -6.12 49.11 20.69
N GLU A 42 -5.92 49.13 19.37
CA GLU A 42 -7.03 48.92 18.45
C GLU A 42 -7.49 47.46 18.44
N MET A 43 -6.55 46.52 18.60
CA MET A 43 -6.93 45.11 18.70
C MET A 43 -7.69 44.83 19.99
N GLU A 44 -7.21 45.37 21.13
CA GLU A 44 -7.97 45.24 22.36
C GLU A 44 -9.36 45.82 22.19
N LYS A 45 -9.47 46.92 21.43
CA LYS A 45 -10.77 47.50 21.14
C LYS A 45 -11.71 46.47 20.55
N GLU A 46 -11.18 45.65 19.63
CA GLU A 46 -12.02 44.71 18.90
C GLU A 46 -12.40 43.49 19.75
N GLY A 47 -11.60 43.14 20.75
CA GLY A 47 -11.77 41.87 21.43
C GLY A 47 -10.81 40.79 20.96
N LYS A 48 -9.87 41.13 20.07
CA LYS A 48 -8.89 40.17 19.59
C LYS A 48 -7.91 39.79 20.69
N ILE A 49 -7.66 40.69 21.65
CA ILE A 49 -6.72 40.44 22.73
C ILE A 49 -7.25 41.06 24.01
N SER A 50 -6.58 40.75 25.13
CA SER A 50 -6.90 41.28 26.44
C SER A 50 -5.61 41.45 27.23
N LYS A 51 -5.58 42.47 28.09
CA LYS A 51 -4.43 42.68 28.97
C LYS A 51 -4.36 41.59 30.02
N ILE A 52 -3.14 41.19 30.35
CA ILE A 52 -2.91 40.17 31.36
C ILE A 52 -2.01 40.77 32.43
N GLY A 53 -2.29 40.44 33.69
CA GLY A 53 -1.59 41.00 34.81
C GLY A 53 -0.31 40.23 35.11
N PRO A 54 0.18 40.33 36.36
CA PRO A 54 1.41 39.65 36.77
C PRO A 54 1.19 38.23 37.31
N GLU A 55 0.45 37.42 36.56
CA GLU A 55 0.23 36.02 36.91
C GLU A 55 0.64 35.06 35.80
N ASN A 56 1.13 35.58 34.67
CA ASN A 56 1.44 34.75 33.52
C ASN A 56 2.95 34.65 33.36
N PRO A 57 3.55 33.47 33.49
CA PRO A 57 4.98 33.32 33.29
C PRO A 57 5.42 32.99 31.86
N TYR A 58 4.50 32.80 30.92
CA TYR A 58 4.85 32.45 29.55
C TYR A 58 4.99 33.72 28.72
N ASN A 59 6.11 33.84 28.01
CA ASN A 59 6.38 35.02 27.19
C ASN A 59 6.59 34.58 25.75
N THR A 60 5.85 35.19 24.82
CA THR A 60 6.12 35.03 23.38
C THR A 60 6.62 36.36 22.82
N PRO A 61 7.74 36.39 22.08
CA PRO A 61 8.24 37.67 21.58
C PRO A 61 7.35 38.25 20.47
N VAL A 62 7.42 39.57 20.32
CA VAL A 62 6.64 40.29 19.32
C VAL A 62 7.51 41.42 18.78
N PHE A 63 7.83 41.38 17.49
CA PHE A 63 8.59 42.42 16.82
C PHE A 63 7.72 43.10 15.76
N ALA A 64 8.29 44.07 15.07
CA ALA A 64 7.54 44.90 14.14
C ALA A 64 8.18 44.85 12.76
N ILE A 65 7.34 44.95 11.73
CA ILE A 65 7.75 44.88 10.34
C ILE A 65 6.88 45.84 9.52
N LYS A 66 7.53 46.83 8.90
CA LYS A 66 6.83 47.81 8.08
C LYS A 66 6.46 47.21 6.73
N LYS A 67 5.30 47.61 6.21
CA LYS A 67 4.71 47.00 5.01
C LYS A 67 5.37 47.52 3.74
N LYS A 68 6.69 47.29 3.65
CA LYS A 68 7.53 47.70 2.50
C LYS A 68 7.43 49.21 2.34
N ASP A 69 7.09 49.72 1.15
CA ASP A 69 6.93 51.16 0.99
C ASP A 69 5.74 51.69 1.78
N SER A 70 4.68 50.89 1.95
CA SER A 70 3.50 51.33 2.69
C SER A 70 3.87 51.70 4.13
N THR A 71 3.54 52.95 4.52
CA THR A 71 4.01 53.49 5.79
C THR A 71 3.49 52.72 7.00
N LYS A 72 2.31 52.10 6.88
CA LYS A 72 1.74 51.34 7.99
C LYS A 72 2.63 50.18 8.39
N TRP A 73 2.89 50.05 9.70
CA TRP A 73 3.67 48.95 10.24
C TRP A 73 2.78 47.73 10.51
N ARG A 74 3.42 46.58 10.72
CA ARG A 74 2.70 45.34 10.99
C ARG A 74 3.43 44.54 12.08
N LYS A 75 2.64 44.00 13.01
CA LYS A 75 3.16 43.25 14.15
C LYS A 75 3.19 41.77 13.83
N LEU A 76 4.28 41.11 14.21
CA LEU A 76 4.46 39.67 14.07
C LEU A 76 4.79 39.10 15.43
N VAL A 77 4.25 37.91 15.72
CA VAL A 77 4.56 37.20 16.96
C VAL A 77 5.19 35.85 16.59
N ASP A 78 6.30 35.52 17.25
CA ASP A 78 7.03 34.27 16.98
C ASP A 78 6.64 33.25 18.03
N PHE A 79 5.52 32.56 17.80
CA PHE A 79 5.20 31.50 18.74
C PHE A 79 6.04 30.29 18.53
N ARG A 80 7.09 30.39 17.69
CA ARG A 80 7.90 29.24 17.29
C ARG A 80 8.27 28.36 18.47
N GLU A 81 8.33 28.93 19.68
CA GLU A 81 8.55 28.11 20.86
C GLU A 81 7.24 27.58 21.44
N LEU A 82 6.14 28.32 21.30
CA LEU A 82 4.84 27.74 21.65
C LEU A 82 4.47 26.61 20.70
N ASN A 83 4.88 26.73 19.43
CA ASN A 83 4.60 25.70 18.43
C ASN A 83 5.38 24.42 18.70
N LYS A 84 6.66 24.55 19.04
CA LYS A 84 7.47 23.39 19.43
C LYS A 84 6.89 22.67 20.65
N ARG A 85 6.07 23.35 21.45
CA ARG A 85 5.48 22.76 22.64
C ARG A 85 3.98 22.51 22.53
N THR A 86 3.37 23.00 21.45
CA THR A 86 1.90 22.84 21.26
C THR A 86 1.57 21.38 20.91
N GLN A 87 0.33 20.94 21.14
CA GLN A 87 -0.05 19.52 20.90
C GLN A 87 -0.12 19.21 19.40
N ASP A 88 -0.51 17.99 19.06
CA ASP A 88 -0.59 17.57 17.63
C ASP A 88 -2.04 17.69 17.14
N PHE A 89 -2.22 18.04 15.87
CA PHE A 89 -3.55 18.23 15.30
C PHE A 89 -3.70 17.34 14.08
N TRP A 90 -4.97 17.08 13.70
CA TRP A 90 -5.26 16.36 12.46
C TRP A 90 -5.24 17.34 11.29
N GLU A 91 -4.23 17.26 10.45
CA GLU A 91 -4.27 18.05 9.21
C GLU A 91 -4.98 17.27 8.12
N VAL A 92 -5.79 17.97 7.33
CA VAL A 92 -6.57 17.33 6.27
C VAL A 92 -6.09 17.73 4.88
N GLN A 93 -5.55 18.94 4.70
CA GLN A 93 -5.01 19.34 3.40
C GLN A 93 -3.62 18.75 3.25
N LEU A 94 -3.59 17.43 3.14
CA LEU A 94 -2.40 16.70 2.75
C LEU A 94 -2.34 16.46 1.25
N GLY A 95 -3.32 16.97 0.50
CA GLY A 95 -3.33 16.80 -0.94
C GLY A 95 -4.17 17.86 -1.62
N ILE A 96 -3.77 18.21 -2.83
CA ILE A 96 -4.37 19.31 -3.59
C ILE A 96 -5.30 18.70 -4.65
N PRO A 97 -6.51 19.23 -4.83
CA PRO A 97 -7.42 18.69 -5.85
C PRO A 97 -6.80 18.71 -7.23
N HIS A 98 -7.20 17.77 -8.05
CA HIS A 98 -6.62 17.92 -9.37
C HIS A 98 -7.63 18.51 -10.34
N PRO A 99 -7.29 19.58 -11.04
CA PRO A 99 -8.21 20.21 -11.99
C PRO A 99 -8.97 19.22 -12.87
N ALA A 100 -8.29 18.16 -13.35
CA ALA A 100 -8.95 17.16 -14.18
C ALA A 100 -10.08 16.44 -13.48
N GLY A 101 -10.15 16.54 -12.13
CA GLY A 101 -11.12 15.85 -11.33
C GLY A 101 -12.39 16.63 -11.08
N LEU A 102 -12.38 17.93 -11.43
CA LEU A 102 -13.53 18.80 -11.28
C LEU A 102 -14.53 18.58 -12.40
N LYS A 103 -15.81 18.57 -12.05
CA LYS A 103 -16.86 18.49 -13.06
C LYS A 103 -17.13 19.87 -13.62
N LYS A 104 -17.39 19.94 -14.92
CA LYS A 104 -17.68 21.24 -15.53
C LYS A 104 -19.02 21.73 -14.99
N LYS A 105 -19.06 23.03 -14.67
CA LYS A 105 -20.22 23.69 -14.11
C LYS A 105 -20.47 25.00 -14.86
N LYS A 106 -21.74 25.35 -15.06
CA LYS A 106 -22.04 26.60 -15.75
C LYS A 106 -21.41 27.79 -15.04
N SER A 107 -21.61 27.89 -13.73
CA SER A 107 -21.07 29.00 -12.94
C SER A 107 -20.26 28.49 -11.77
N VAL A 108 -19.23 29.24 -11.40
CA VAL A 108 -18.33 28.91 -10.31
C VAL A 108 -17.83 30.18 -9.63
N THR A 109 -18.12 30.31 -8.33
CA THR A 109 -17.73 31.47 -7.52
C THR A 109 -16.68 31.09 -6.48
N VAL A 110 -15.70 31.98 -6.29
CA VAL A 110 -14.63 31.79 -5.31
C VAL A 110 -14.77 32.84 -4.22
N LEU A 111 -14.96 32.40 -2.97
CA LEU A 111 -15.12 33.27 -1.82
C LEU A 111 -13.92 33.13 -0.90
N ASP A 112 -13.24 34.23 -0.63
CA ASP A 112 -12.18 34.23 0.36
C ASP A 112 -12.76 34.37 1.76
N VAL A 113 -12.30 33.51 2.67
CA VAL A 113 -12.79 33.57 4.08
C VAL A 113 -11.58 33.64 5.02
N GLY A 114 -10.39 33.97 4.49
CA GLY A 114 -9.23 34.10 5.35
C GLY A 114 -9.39 35.12 6.47
N ASP A 115 -10.30 36.08 6.29
CA ASP A 115 -10.51 37.10 7.33
C ASP A 115 -10.98 36.48 8.63
N ALA A 116 -11.92 35.53 8.57
CA ALA A 116 -12.57 34.99 9.75
C ALA A 116 -11.63 34.15 10.61
N TYR A 117 -10.41 33.91 10.14
CA TYR A 117 -9.33 33.36 10.96
C TYR A 117 -9.38 33.88 12.38
N PHE A 118 -9.49 35.20 12.51
CA PHE A 118 -9.62 35.87 13.79
C PHE A 118 -11.05 35.93 14.27
N SER A 119 -12.04 35.63 13.42
CA SER A 119 -13.39 35.54 13.94
C SER A 119 -13.64 34.24 14.68
N VAL A 120 -12.61 33.39 14.78
CA VAL A 120 -12.72 32.06 15.36
C VAL A 120 -12.17 32.11 16.78
N PRO A 121 -12.97 31.74 17.82
CA PRO A 121 -12.51 31.86 19.21
C PRO A 121 -11.25 31.07 19.48
N LEU A 122 -10.77 31.14 20.71
CA LEU A 122 -9.70 30.27 21.18
C LEU A 122 -10.19 29.56 22.43
N ASP A 123 -9.63 28.39 22.70
CA ASP A 123 -9.95 27.70 23.98
C ASP A 123 -9.47 28.62 25.11
N GLU A 124 -10.38 29.21 25.86
CA GLU A 124 -9.99 30.19 26.91
C GLU A 124 -8.87 29.60 27.77
N ASP A 125 -8.92 28.29 28.01
CA ASP A 125 -7.92 27.66 28.92
C ASP A 125 -6.52 27.78 28.31
N PHE A 126 -6.42 27.99 27.00
CA PHE A 126 -5.08 28.01 26.35
C PHE A 126 -4.67 29.44 25.98
N ARG A 127 -5.59 30.40 26.11
CA ARG A 127 -5.29 31.78 25.66
C ARG A 127 -4.03 32.29 26.36
N LYS A 128 -3.61 31.60 27.42
CA LYS A 128 -2.44 32.08 28.23
C LYS A 128 -1.12 31.78 27.52
N TYR A 129 -0.85 30.52 27.20
CA TYR A 129 0.47 30.21 26.64
C TYR A 129 0.83 31.12 25.47
N THR A 130 -0.17 31.77 24.87
CA THR A 130 0.06 32.81 23.87
C THR A 130 0.07 34.14 24.61
N ALA A 131 1.25 34.66 24.88
CA ALA A 131 1.30 35.91 25.62
C ALA A 131 2.60 36.62 25.25
N PHE A 132 2.51 37.94 25.10
CA PHE A 132 3.63 38.73 24.61
C PHE A 132 3.69 40.04 25.39
N THR A 133 4.89 40.63 25.41
CA THR A 133 5.19 41.86 26.12
C THR A 133 5.80 42.87 25.17
N ILE A 134 5.33 44.11 25.21
CA ILE A 134 5.80 45.19 24.33
C ILE A 134 6.84 46.01 25.10
N PRO A 135 8.08 46.10 24.62
CA PRO A 135 9.11 46.80 25.42
C PRO A 135 8.76 48.26 25.61
N SER A 136 8.67 48.68 26.88
CA SER A 136 8.43 50.08 27.19
C SER A 136 9.59 50.95 26.69
N ILE A 137 9.31 52.24 26.51
CA ILE A 137 10.33 53.18 26.03
C ILE A 137 11.30 53.48 27.18
N ASN A 138 12.60 53.35 26.89
CA ASN A 138 13.71 53.57 27.83
C ASN A 138 13.78 52.55 28.96
N ASN A 139 12.96 51.50 28.93
CA ASN A 139 12.91 50.46 29.97
C ASN A 139 12.65 51.06 31.36
N GLU A 140 11.86 52.14 31.40
CA GLU A 140 11.65 52.86 32.68
C GLU A 140 10.23 52.63 33.21
N THR A 141 9.43 51.85 32.49
CA THR A 141 8.03 51.57 32.92
C THR A 141 7.77 50.06 32.86
N PRO A 142 6.92 49.50 33.73
CA PRO A 142 6.56 48.08 33.63
C PRO A 142 6.00 47.79 32.23
N GLY A 143 6.48 46.72 31.59
CA GLY A 143 6.04 46.41 30.21
C GLY A 143 4.58 46.02 30.14
N ILE A 144 3.96 46.17 28.97
CA ILE A 144 2.52 45.82 28.79
C ILE A 144 2.42 44.36 28.35
N ARG A 145 1.57 43.57 29.01
CA ARG A 145 1.42 42.16 28.70
C ARG A 145 0.06 41.92 28.03
N TYR A 146 0.05 40.97 27.09
CA TYR A 146 -1.19 40.67 26.38
C TYR A 146 -1.25 39.20 25.98
N GLN A 147 -2.48 38.74 25.75
CA GLN A 147 -2.82 37.41 25.28
C GLN A 147 -3.87 37.50 24.17
N TYR A 148 -3.97 36.43 23.38
CA TYR A 148 -4.94 36.35 22.27
C TYR A 148 -6.25 35.69 22.71
N ASN A 149 -7.36 36.23 22.20
CA ASN A 149 -8.70 35.67 22.40
C ASN A 149 -9.19 34.88 21.18
N VAL A 150 -8.38 34.78 20.13
CA VAL A 150 -8.76 34.16 18.87
C VAL A 150 -7.54 33.46 18.29
N LEU A 151 -7.76 32.65 17.25
CA LEU A 151 -6.67 31.89 16.65
C LEU A 151 -5.58 32.82 16.11
N PRO A 152 -4.41 32.84 16.72
CA PRO A 152 -3.35 33.75 16.26
C PRO A 152 -2.78 33.31 14.92
N GLN A 153 -2.22 34.29 14.20
CA GLN A 153 -1.77 34.08 12.82
C GLN A 153 -0.63 33.06 12.71
N GLY A 154 0.28 33.00 13.69
CA GLY A 154 1.40 32.08 13.61
C GLY A 154 1.29 30.78 14.38
N TRP A 155 0.21 30.60 15.14
CA TRP A 155 0.02 29.40 15.94
C TRP A 155 -0.27 28.18 15.07
N LYS A 156 0.46 27.08 15.31
CA LYS A 156 0.25 25.85 14.56
C LYS A 156 -1.18 25.33 14.71
N GLY A 157 -1.87 25.69 15.80
CA GLY A 157 -3.23 25.24 15.98
C GLY A 157 -4.24 25.93 15.10
N SER A 158 -3.89 27.11 14.56
CA SER A 158 -4.90 27.99 13.96
C SER A 158 -5.44 27.49 12.63
N PRO A 159 -4.62 27.02 11.66
CA PRO A 159 -5.21 26.41 10.45
C PRO A 159 -6.22 25.33 10.76
N ALA A 160 -5.80 24.29 11.50
CA ALA A 160 -6.62 23.10 11.66
C ALA A 160 -7.92 23.41 12.40
N ILE A 161 -7.91 24.40 13.27
CA ILE A 161 -9.11 24.68 14.06
C ILE A 161 -10.10 25.51 13.27
N PHE A 162 -9.58 26.44 12.46
CA PHE A 162 -10.42 27.20 11.54
C PHE A 162 -11.20 26.27 10.61
N GLN A 163 -10.49 25.35 9.95
CA GLN A 163 -11.11 24.48 8.96
C GLN A 163 -12.19 23.60 9.58
N SER A 164 -11.90 23.02 10.74
CA SER A 164 -12.87 22.14 11.37
C SER A 164 -14.16 22.89 11.69
N SER A 165 -14.04 24.07 12.30
CA SER A 165 -15.25 24.87 12.61
C SER A 165 -15.94 25.29 11.33
N MET A 166 -15.20 25.83 10.36
CA MET A 166 -15.76 26.32 9.10
C MET A 166 -16.58 25.24 8.40
N THR A 167 -16.12 23.97 8.45
CA THR A 167 -16.90 22.86 7.94
C THR A 167 -18.22 22.71 8.69
N LYS A 168 -18.17 22.82 10.03
CA LYS A 168 -19.33 22.51 10.86
C LYS A 168 -20.51 23.41 10.52
N ILE A 169 -20.22 24.70 10.31
CA ILE A 169 -21.24 25.68 9.92
C ILE A 169 -21.87 25.30 8.59
N LEU A 170 -21.04 24.92 7.60
CA LEU A 170 -21.51 24.78 6.22
C LEU A 170 -22.39 23.55 6.00
N GLU A 171 -22.36 22.56 6.88
CA GLU A 171 -23.07 21.31 6.59
C GLU A 171 -24.57 21.50 6.36
N PRO A 172 -25.30 22.29 7.15
CA PRO A 172 -26.72 22.52 6.82
C PRO A 172 -26.97 23.27 5.51
N PHE A 173 -26.13 24.25 5.16
CA PHE A 173 -26.40 24.99 3.92
C PHE A 173 -26.36 24.07 2.71
N ALA A 174 -25.35 23.20 2.64
CA ALA A 174 -25.18 22.31 1.50
C ALA A 174 -26.24 21.22 1.46
N ALA A 175 -26.69 20.75 2.63
CA ALA A 175 -27.73 19.73 2.64
C ALA A 175 -29.03 20.27 2.11
N GLN A 176 -29.27 21.58 2.26
CA GLN A 176 -30.53 22.20 1.89
C GLN A 176 -30.47 22.87 0.54
N ASN A 177 -29.27 22.96 -0.04
CA ASN A 177 -29.07 23.46 -1.39
C ASN A 177 -28.40 22.38 -2.22
N PRO A 178 -29.03 21.19 -2.38
CA PRO A 178 -28.39 20.09 -3.10
C PRO A 178 -28.06 20.51 -4.54
N ASP A 179 -28.68 21.59 -5.01
CA ASP A 179 -28.48 22.03 -6.42
C ASP A 179 -27.15 22.78 -6.53
N ILE A 180 -26.36 22.80 -5.47
CA ILE A 180 -25.04 23.47 -5.52
C ILE A 180 -23.95 22.48 -5.09
N VAL A 181 -22.68 22.86 -5.27
CA VAL A 181 -21.55 22.02 -4.90
C VAL A 181 -20.48 22.88 -4.24
N ILE A 182 -20.22 22.67 -2.95
CA ILE A 182 -19.25 23.49 -2.23
C ILE A 182 -18.02 22.67 -1.93
N TYR A 183 -16.86 23.27 -2.15
CA TYR A 183 -15.56 22.69 -1.89
C TYR A 183 -14.79 23.70 -1.06
N GLN A 184 -14.05 23.23 -0.07
CA GLN A 184 -13.33 24.11 0.84
C GLN A 184 -11.89 23.65 0.89
N TYR A 185 -10.95 24.49 0.46
CA TYR A 185 -9.57 24.03 0.44
C TYR A 185 -8.75 24.47 1.65
N MET A 186 -8.41 25.75 1.73
CA MET A 186 -7.69 26.28 2.88
C MET A 186 -8.01 27.76 2.91
N ASP A 187 -8.90 28.17 3.81
CA ASP A 187 -9.34 29.56 3.91
C ASP A 187 -10.03 30.04 2.63
N ASP A 188 -10.41 29.13 1.73
CA ASP A 188 -11.14 29.45 0.51
C ASP A 188 -12.36 28.54 0.39
N LEU A 189 -13.38 29.05 -0.31
CA LEU A 189 -14.57 28.30 -0.66
C LEU A 189 -14.79 28.40 -2.17
N TYR A 190 -15.33 27.32 -2.76
CA TYR A 190 -15.44 27.18 -4.22
C TYR A 190 -16.84 26.67 -4.53
N VAL A 191 -17.76 27.56 -4.85
CA VAL A 191 -19.14 27.16 -5.11
C VAL A 191 -19.33 27.02 -6.59
N GLY A 192 -20.01 25.95 -6.98
CA GLY A 192 -20.21 25.69 -8.39
C GLY A 192 -21.58 25.13 -8.65
N SER A 193 -22.27 25.72 -9.63
CA SER A 193 -23.67 25.31 -9.88
C SER A 193 -24.03 25.42 -11.36
N ASP A 194 -24.69 24.41 -11.90
CA ASP A 194 -25.20 24.45 -13.27
C ASP A 194 -26.56 25.15 -13.28
N LEU A 195 -26.51 26.44 -12.93
CA LEU A 195 -27.71 27.24 -12.76
C LEU A 195 -27.54 28.56 -13.49
N GLU A 196 -28.68 29.15 -13.85
CA GLU A 196 -28.74 30.48 -14.44
C GLU A 196 -28.01 31.47 -13.55
N ILE A 197 -27.11 32.25 -14.17
CA ILE A 197 -26.12 33.05 -13.45
C ILE A 197 -26.84 33.94 -12.45
N GLY A 198 -28.15 34.10 -12.63
CA GLY A 198 -28.95 34.86 -11.67
C GLY A 198 -29.28 34.06 -10.42
N GLN A 199 -29.82 32.85 -10.58
CA GLN A 199 -30.09 32.00 -9.42
C GLN A 199 -28.79 31.68 -8.68
N HIS A 200 -27.75 31.30 -9.42
CA HIS A 200 -26.44 31.06 -8.82
C HIS A 200 -25.94 32.30 -8.07
N ARG A 201 -26.06 33.48 -8.67
CA ARG A 201 -25.52 34.69 -8.04
C ARG A 201 -26.20 34.98 -6.71
N THR A 202 -27.44 34.52 -6.51
CA THR A 202 -28.11 34.84 -5.26
C THR A 202 -27.90 33.77 -4.20
N LYS A 203 -27.72 32.51 -4.61
CA LYS A 203 -27.31 31.50 -3.64
C LYS A 203 -25.92 31.79 -3.07
N ILE A 204 -25.09 32.56 -3.78
CA ILE A 204 -23.89 33.09 -3.16
C ILE A 204 -24.25 34.09 -2.05
N GLU A 205 -25.25 34.94 -2.30
CA GLU A 205 -25.71 35.84 -1.25
C GLU A 205 -26.13 35.06 -0.01
N GLU A 206 -27.17 34.21 -0.14
CA GLU A 206 -27.66 33.39 0.96
C GLU A 206 -26.50 32.85 1.81
N LEU A 207 -25.47 32.34 1.14
CA LEU A 207 -24.34 31.75 1.84
C LEU A 207 -23.63 32.76 2.72
N ARG A 208 -23.38 33.95 2.16
CA ARG A 208 -22.65 34.99 2.94
C ARG A 208 -23.46 35.34 4.18
N GLN A 209 -24.79 35.35 4.08
CA GLN A 209 -25.64 35.61 5.26
C GLN A 209 -25.46 34.46 6.26
N HIS A 210 -25.59 33.23 5.77
CA HIS A 210 -25.41 32.04 6.65
C HIS A 210 -24.11 32.21 7.44
N LEU A 211 -23.02 32.56 6.75
CA LEU A 211 -21.71 32.71 7.43
C LEU A 211 -21.74 33.94 8.33
N LEU A 212 -22.56 34.93 7.97
CA LEU A 212 -22.71 36.14 8.83
C LEU A 212 -23.46 35.75 10.11
N ARG A 213 -24.42 34.83 10.00
CA ARG A 213 -25.19 34.38 11.18
C ARG A 213 -24.21 33.86 12.23
N TRP A 214 -23.01 33.45 11.80
CA TRP A 214 -21.97 33.00 12.76
C TRP A 214 -20.85 34.04 12.85
N GLY A 215 -20.99 35.16 12.13
CA GLY A 215 -20.00 36.24 12.22
C GLY A 215 -18.78 35.99 11.37
N LEU A 216 -18.99 35.65 10.09
CA LEU A 216 -17.86 35.38 9.17
C LEU A 216 -17.91 36.36 7.99
N THR A 217 -16.92 37.23 7.87
CA THR A 217 -16.88 38.21 6.79
C THR A 217 -16.42 37.54 5.50
N THR A 218 -16.97 38.03 4.40
CA THR A 218 -16.81 37.40 3.09
C THR A 218 -17.15 38.42 2.02
N PRO A 219 -16.47 38.40 0.88
CA PRO A 219 -16.63 39.46 -0.13
C PRO A 219 -17.82 39.25 -1.04
N ASP A 220 -18.41 40.37 -1.50
CA ASP A 220 -19.60 40.41 -2.35
C ASP A 220 -19.36 41.11 -3.68
N LYS A 221 -18.87 42.34 -3.64
CA LYS A 221 -18.39 43.03 -4.82
C LYS A 221 -16.87 42.93 -4.82
N LYS A 222 -16.30 42.81 -6.00
CA LYS A 222 -14.86 42.62 -6.14
C LYS A 222 -14.41 41.31 -5.50
N HIS A 223 -15.25 40.28 -5.54
CA HIS A 223 -14.84 38.92 -5.23
C HIS A 223 -14.82 38.02 -6.45
N GLN A 224 -15.30 38.50 -7.60
CA GLN A 224 -15.45 37.65 -8.79
C GLN A 224 -14.22 36.79 -9.01
N LYS A 225 -13.05 37.43 -9.09
CA LYS A 225 -11.80 36.75 -9.45
C LYS A 225 -12.05 35.86 -10.67
N GLU A 226 -13.01 36.28 -11.52
CA GLU A 226 -13.67 35.48 -12.56
C GLU A 226 -12.61 34.75 -13.36
N PRO A 227 -12.92 33.57 -13.89
CA PRO A 227 -11.90 32.79 -14.63
C PRO A 227 -11.21 33.66 -15.66
N PRO A 228 -9.88 33.65 -15.73
CA PRO A 228 -8.94 32.65 -15.21
C PRO A 228 -8.65 32.79 -13.72
N PHE A 229 -9.09 31.80 -12.93
CA PHE A 229 -8.64 31.66 -11.55
C PHE A 229 -7.19 31.23 -11.55
N LEU A 230 -6.32 31.98 -10.88
CA LEU A 230 -4.95 31.53 -10.68
C LEU A 230 -4.84 30.83 -9.32
N TRP A 231 -4.53 29.55 -9.36
CA TRP A 231 -4.74 28.70 -8.21
C TRP A 231 -3.74 27.57 -8.20
N MET A 232 -3.05 27.42 -7.08
CA MET A 232 -2.10 26.35 -6.84
C MET A 232 -1.29 26.03 -8.09
N GLY A 233 -0.85 27.08 -8.80
CA GLY A 233 -0.01 26.93 -9.96
C GLY A 233 -0.74 26.48 -11.21
N TYR A 234 -2.07 26.47 -11.19
CA TYR A 234 -2.85 26.24 -12.40
C TYR A 234 -3.49 27.53 -12.87
N GLU A 235 -3.98 27.49 -14.10
CA GLU A 235 -4.89 28.50 -14.63
C GLU A 235 -6.14 27.74 -15.03
N LEU A 236 -7.22 27.94 -14.29
CA LEU A 236 -8.48 27.29 -14.60
C LEU A 236 -9.36 28.26 -15.36
N HIS A 237 -9.97 27.78 -16.43
CA HIS A 237 -10.88 28.50 -17.30
C HIS A 237 -12.21 27.75 -17.29
N PRO A 238 -13.31 28.36 -17.73
CA PRO A 238 -14.60 27.66 -17.61
C PRO A 238 -14.68 26.34 -18.37
N ASP A 239 -13.96 26.17 -19.46
CA ASP A 239 -14.05 24.97 -20.26
C ASP A 239 -12.74 24.19 -20.31
N LYS A 240 -11.63 24.81 -19.92
CA LYS A 240 -10.32 24.23 -20.04
C LYS A 240 -9.53 24.59 -18.80
N TRP A 241 -8.49 23.80 -18.52
CA TRP A 241 -7.53 24.12 -17.48
C TRP A 241 -6.14 23.95 -18.07
N THR A 242 -5.17 24.65 -17.47
CA THR A 242 -3.77 24.42 -17.78
C THR A 242 -2.92 24.80 -16.57
N VAL A 243 -1.61 24.76 -16.76
CA VAL A 243 -0.68 25.10 -15.64
C VAL A 243 -0.17 26.52 -15.85
N GLN A 244 -0.17 27.34 -14.79
CA GLN A 244 0.42 28.69 -14.94
C GLN A 244 1.85 28.49 -15.45
N PRO A 245 2.23 29.06 -16.61
CA PRO A 245 3.61 28.95 -17.06
C PRO A 245 4.48 29.36 -15.86
N ILE A 246 5.25 28.41 -15.31
CA ILE A 246 6.06 28.72 -14.10
C ILE A 246 7.54 28.53 -14.42
N VAL A 247 8.42 29.22 -13.69
CA VAL A 247 9.88 29.13 -13.96
C VAL A 247 10.56 28.49 -12.75
N ASP A 252 25.68 28.15 -19.12
CA ASP A 252 26.86 27.28 -19.06
C ASP A 252 27.05 26.68 -17.68
N SER A 253 26.69 27.44 -16.64
CA SER A 253 26.86 27.02 -15.25
C SER A 253 25.60 26.32 -14.79
N TRP A 254 25.46 25.05 -15.19
CA TRP A 254 24.30 24.25 -14.84
C TRP A 254 24.38 23.84 -13.38
N THR A 255 24.27 24.82 -12.47
CA THR A 255 24.42 24.60 -11.04
C THR A 255 23.56 23.44 -10.57
N VAL A 256 23.91 22.83 -9.44
CA VAL A 256 23.12 21.71 -8.91
C VAL A 256 21.67 22.15 -8.67
N ASN A 257 21.43 23.46 -8.48
CA ASN A 257 20.06 24.00 -8.37
C ASN A 257 19.35 23.93 -9.72
N ASP A 258 20.08 24.14 -10.82
CA ASP A 258 19.52 23.89 -12.15
C ASP A 258 19.14 22.42 -12.34
N ILE A 259 19.53 21.54 -11.41
CA ILE A 259 19.15 20.13 -11.44
C ILE A 259 18.25 19.76 -10.27
N GLN A 260 18.58 20.21 -9.05
CA GLN A 260 17.85 19.78 -7.85
C GLN A 260 16.41 20.27 -7.83
N LYS A 261 16.13 21.44 -8.41
CA LYS A 261 14.78 21.99 -8.46
C LYS A 261 14.11 21.81 -9.82
N LEU A 262 14.89 21.80 -10.91
CA LEU A 262 14.33 21.61 -12.25
C LEU A 262 13.76 20.20 -12.45
N VAL A 263 14.09 19.27 -11.55
CA VAL A 263 13.51 17.93 -11.61
C VAL A 263 11.99 18.00 -11.46
N GLY A 264 11.53 18.55 -10.33
CA GLY A 264 10.10 18.63 -10.07
C GLY A 264 9.37 19.60 -10.97
N LYS A 265 10.11 20.55 -11.58
CA LYS A 265 9.49 21.52 -12.48
C LYS A 265 9.02 20.87 -13.78
N LEU A 266 9.90 20.09 -14.43
CA LEU A 266 9.53 19.47 -15.69
C LEU A 266 8.49 18.37 -15.49
N ASN A 267 8.56 17.67 -14.34
CA ASN A 267 7.52 16.74 -13.95
C ASN A 267 6.19 17.45 -13.82
N TRP A 268 6.21 18.63 -13.21
CA TRP A 268 4.99 19.41 -13.06
C TRP A 268 4.39 19.67 -14.43
N ALA A 269 5.20 20.01 -15.42
CA ALA A 269 4.65 20.33 -16.73
C ALA A 269 4.03 19.13 -17.43
N SER A 270 4.37 17.90 -17.02
CA SER A 270 3.98 16.70 -17.76
C SER A 270 2.65 16.08 -17.30
N GLN A 271 1.88 16.78 -16.46
CA GLN A 271 0.50 16.35 -16.21
C GLN A 271 -0.45 16.75 -17.36
N ILE A 272 -0.05 17.69 -18.22
CA ILE A 272 -0.82 17.96 -19.44
C ILE A 272 0.03 17.99 -20.71
N TYR A 273 1.36 18.26 -20.65
CA TYR A 273 2.23 18.29 -21.82
C TYR A 273 2.67 16.88 -22.19
N PRO A 274 2.21 16.32 -23.30
CA PRO A 274 2.64 14.97 -23.67
C PRO A 274 4.09 14.96 -24.14
N GLY A 275 4.79 13.86 -23.83
CA GLY A 275 6.18 13.66 -24.21
C GLY A 275 7.19 14.56 -23.53
N ILE A 276 7.07 14.78 -22.23
CA ILE A 276 8.08 15.51 -21.46
C ILE A 276 9.01 14.48 -20.82
N LYS A 277 10.31 14.57 -21.12
CA LYS A 277 11.29 13.60 -20.68
C LYS A 277 12.27 14.25 -19.73
N VAL A 278 12.49 13.62 -18.57
CA VAL A 278 13.26 14.23 -17.49
C VAL A 278 14.29 13.29 -16.86
N ARG A 279 14.74 12.28 -17.61
CA ARG A 279 15.53 11.20 -17.02
C ARG A 279 17.03 11.44 -17.02
N GLN A 280 17.60 11.89 -18.15
CA GLN A 280 19.04 12.03 -18.25
C GLN A 280 19.58 13.01 -17.22
N LEU A 281 18.82 14.07 -16.92
CA LEU A 281 19.22 15.00 -15.88
C LEU A 281 19.15 14.35 -14.50
N SER A 282 18.20 13.45 -14.27
CA SER A 282 18.12 12.76 -12.98
C SER A 282 19.34 11.90 -12.74
N LYS A 283 19.91 11.30 -13.80
CA LYS A 283 21.19 10.63 -13.66
C LYS A 283 22.29 11.62 -13.28
N LEU A 284 22.23 12.84 -13.85
CA LEU A 284 23.25 13.86 -13.55
C LEU A 284 23.26 14.26 -12.08
N LEU A 285 22.09 14.21 -11.41
CA LEU A 285 22.07 14.49 -9.97
C LEU A 285 22.90 13.48 -9.20
N ARG A 286 22.96 12.24 -9.69
CA ARG A 286 23.81 11.18 -9.14
C ARG A 286 23.49 11.02 -7.66
N GLY A 287 24.49 11.01 -6.77
CA GLY A 287 24.25 11.03 -5.34
C GLY A 287 24.89 12.21 -4.64
N THR A 288 24.87 13.38 -5.27
CA THR A 288 25.53 14.58 -4.77
C THR A 288 25.18 14.88 -3.31
N LEU A 291 26.06 19.42 -4.32
CA LEU A 291 25.15 20.47 -3.92
C LEU A 291 25.48 21.77 -4.66
N THR A 292 26.60 21.79 -5.36
CA THR A 292 26.94 22.90 -6.26
C THR A 292 27.96 22.38 -7.27
N GLU A 293 27.55 22.26 -8.53
CA GLU A 293 28.43 21.84 -9.63
C GLU A 293 27.69 22.06 -10.95
N VAL A 294 28.40 22.58 -11.95
CA VAL A 294 27.83 22.73 -13.31
C VAL A 294 28.17 21.45 -14.06
N ILE A 295 27.38 20.41 -13.80
CA ILE A 295 27.62 19.08 -14.38
C ILE A 295 27.20 19.13 -15.85
N PRO A 296 27.82 18.35 -16.73
CA PRO A 296 27.61 18.52 -18.17
C PRO A 296 26.20 18.10 -18.58
N LEU A 297 25.85 18.45 -19.82
CA LEU A 297 24.62 17.99 -20.45
C LEU A 297 24.81 16.66 -21.16
N THR A 298 26.03 16.12 -21.16
CA THR A 298 26.39 14.87 -21.82
C THR A 298 26.11 14.89 -23.32
N GLU A 299 25.78 16.06 -23.89
CA GLU A 299 25.32 16.21 -25.29
C GLU A 299 24.29 15.15 -25.66
N GLU A 300 23.61 14.58 -24.65
CA GLU A 300 22.56 13.57 -24.70
C GLU A 300 21.32 13.97 -23.89
N ALA A 301 21.53 14.59 -22.72
CA ALA A 301 20.41 15.16 -21.98
C ALA A 301 19.80 16.34 -22.71
N GLU A 302 20.63 17.09 -23.44
CA GLU A 302 20.12 18.21 -24.22
C GLU A 302 19.24 17.75 -25.38
N LEU A 303 19.36 16.49 -25.80
CA LEU A 303 18.52 15.95 -26.85
C LEU A 303 17.04 15.97 -26.45
N GLU A 304 16.74 15.79 -25.16
CA GLU A 304 15.35 15.88 -24.70
C GLU A 304 14.83 17.31 -24.79
N LEU A 305 15.68 18.30 -24.52
CA LEU A 305 15.24 19.70 -24.57
C LEU A 305 14.77 20.10 -25.97
N ALA A 306 15.36 19.50 -27.01
CA ALA A 306 14.91 19.71 -28.39
C ALA A 306 13.50 19.16 -28.62
N GLU A 307 12.99 18.34 -27.70
CA GLU A 307 11.58 17.97 -27.65
C GLU A 307 10.94 18.36 -26.31
N ASN A 308 11.61 19.21 -25.52
CA ASN A 308 11.05 19.75 -24.28
C ASN A 308 10.81 21.25 -24.34
N ARG A 309 11.85 22.05 -24.61
CA ARG A 309 11.67 23.48 -24.79
C ARG A 309 10.91 23.76 -26.08
N GLU A 310 11.04 22.88 -27.07
CA GLU A 310 10.19 22.96 -28.24
C GLU A 310 8.79 22.41 -27.99
N ILE A 311 8.53 21.82 -26.82
CA ILE A 311 7.26 21.15 -26.53
C ILE A 311 6.37 22.08 -25.71
N LEU A 312 7.00 22.96 -24.93
CA LEU A 312 6.27 23.94 -24.15
C LEU A 312 5.84 25.14 -25.00
N LYS A 313 6.22 25.17 -26.27
CA LYS A 313 5.88 26.25 -27.18
C LYS A 313 4.39 26.24 -27.48
N GLU A 314 3.93 25.18 -28.13
CA GLU A 314 2.50 25.02 -28.36
C GLU A 314 1.83 24.81 -27.01
N PRO A 315 1.08 25.80 -26.51
CA PRO A 315 0.49 25.65 -25.17
C PRO A 315 -0.57 24.56 -25.18
N VAL A 316 -0.59 23.76 -24.13
CA VAL A 316 -1.47 22.59 -24.06
C VAL A 316 -2.48 22.77 -22.93
N HIS A 317 -3.72 22.37 -23.20
CA HIS A 317 -4.82 22.45 -22.25
C HIS A 317 -5.42 21.08 -22.02
N GLY A 318 -5.85 20.85 -20.78
CA GLY A 318 -6.74 19.76 -20.44
C GLY A 318 -8.14 20.24 -20.14
N VAL A 319 -9.06 19.29 -20.16
CA VAL A 319 -10.48 19.52 -19.95
C VAL A 319 -10.88 19.04 -18.56
N TYR A 320 -12.12 19.35 -18.18
CA TYR A 320 -12.72 18.97 -16.91
C TYR A 320 -13.48 17.65 -17.06
N TYR A 321 -13.87 17.07 -15.92
CA TYR A 321 -14.30 15.69 -15.90
C TYR A 321 -15.80 15.64 -16.11
N ASP A 322 -16.23 14.63 -16.86
CA ASP A 322 -17.65 14.41 -17.13
C ASP A 322 -18.02 13.01 -16.69
N PRO A 323 -18.80 12.89 -15.63
CA PRO A 323 -19.05 11.55 -15.05
C PRO A 323 -19.82 10.63 -15.96
N SER A 324 -20.45 11.16 -17.00
CA SER A 324 -21.32 10.33 -17.85
C SER A 324 -20.55 9.57 -18.91
N LYS A 325 -19.40 10.09 -19.36
CA LYS A 325 -18.60 9.36 -20.33
C LYS A 325 -17.72 8.33 -19.64
N ASP A 326 -17.22 7.39 -20.43
CA ASP A 326 -16.21 6.48 -19.92
C ASP A 326 -14.90 7.23 -19.70
N LEU A 327 -14.00 6.58 -18.96
CA LEU A 327 -12.72 7.15 -18.55
C LEU A 327 -11.61 6.22 -19.04
N ILE A 328 -10.68 6.75 -19.86
CA ILE A 328 -9.78 5.90 -20.65
C ILE A 328 -8.32 6.35 -20.49
N ALA A 329 -7.44 5.39 -20.24
CA ALA A 329 -6.02 5.67 -20.14
C ALA A 329 -5.25 4.85 -21.17
N GLU A 330 -4.32 5.49 -21.85
CA GLU A 330 -3.52 4.85 -22.88
C GLU A 330 -2.04 5.04 -22.55
N ILE A 331 -1.24 4.02 -22.86
CA ILE A 331 0.15 3.96 -22.44
C ILE A 331 1.04 3.82 -23.65
N GLN A 332 2.15 4.53 -23.65
CA GLN A 332 3.18 4.37 -24.67
C GLN A 332 4.50 3.99 -24.00
N LYS A 333 5.20 3.03 -24.59
CA LYS A 333 6.60 2.79 -24.26
C LYS A 333 7.48 3.86 -24.90
N GLN A 334 8.30 4.53 -24.09
CA GLN A 334 9.22 5.55 -24.64
C GLN A 334 10.66 5.08 -24.76
N GLY A 335 11.01 3.90 -24.28
CA GLY A 335 12.43 3.53 -24.25
C GLY A 335 13.09 3.97 -22.98
N GLN A 336 14.12 3.22 -22.57
CA GLN A 336 14.95 3.51 -21.38
C GLN A 336 14.13 3.45 -20.10
N GLY A 337 13.26 2.46 -20.00
CA GLY A 337 12.42 2.37 -18.81
C GLY A 337 11.47 3.53 -18.66
N GLN A 338 11.10 4.17 -19.77
CA GLN A 338 10.24 5.33 -19.75
C GLN A 338 8.91 5.01 -20.40
N TRP A 339 7.83 5.41 -19.74
CA TRP A 339 6.50 5.16 -20.24
C TRP A 339 5.71 6.46 -20.15
N THR A 340 4.86 6.71 -21.13
CA THR A 340 3.94 7.84 -21.04
C THR A 340 2.51 7.33 -21.13
N TYR A 341 1.62 8.10 -20.51
CA TYR A 341 0.20 7.81 -20.58
C TYR A 341 -0.61 9.10 -20.71
N GLN A 342 -1.79 8.94 -21.31
CA GLN A 342 -2.81 9.97 -21.36
C GLN A 342 -4.08 9.37 -20.80
N ILE A 343 -4.83 10.18 -20.04
CA ILE A 343 -6.14 9.80 -19.55
C ILE A 343 -7.15 10.73 -20.19
N TYR A 344 -8.23 10.17 -20.73
CA TYR A 344 -9.11 11.00 -21.53
C TYR A 344 -10.47 10.34 -21.63
N GLN A 345 -11.43 11.09 -22.19
CA GLN A 345 -12.80 10.59 -22.29
C GLN A 345 -13.25 10.67 -23.73
N GLU A 346 -12.74 11.66 -24.44
CA GLU A 346 -12.85 11.74 -25.88
C GLU A 346 -11.50 12.07 -26.48
N PRO A 347 -11.23 11.53 -27.68
CA PRO A 347 -9.86 11.56 -28.24
C PRO A 347 -9.26 12.96 -28.37
N PHE A 348 -8.04 13.11 -27.87
CA PHE A 348 -7.26 14.33 -27.93
C PHE A 348 -7.76 15.39 -26.95
N LYS A 349 -8.88 15.15 -26.31
CA LYS A 349 -9.35 16.02 -25.25
C LYS A 349 -8.95 15.41 -23.91
N ASN A 350 -7.63 15.39 -23.68
CA ASN A 350 -7.07 14.74 -22.50
C ASN A 350 -7.62 15.36 -21.21
N LEU A 351 -7.92 14.50 -20.23
CA LEU A 351 -8.12 15.03 -18.89
C LEU A 351 -6.76 15.39 -18.28
N LYS A 352 -5.77 14.53 -18.42
CA LYS A 352 -4.40 14.79 -17.98
C LYS A 352 -3.47 13.74 -18.59
N THR A 353 -2.17 13.94 -18.37
CA THR A 353 -1.14 13.04 -18.88
C THR A 353 -0.08 12.78 -17.82
N GLY A 354 0.87 11.89 -18.15
CA GLY A 354 1.88 11.57 -17.16
C GLY A 354 2.95 10.71 -17.76
N LYS A 355 3.96 10.44 -16.93
CA LYS A 355 5.02 9.49 -17.26
C LYS A 355 5.23 8.53 -16.10
N TYR A 356 5.77 7.34 -16.41
CA TYR A 356 6.12 6.37 -15.37
C TYR A 356 7.59 6.08 -15.42
N ALA A 357 8.24 6.22 -14.28
CA ALA A 357 9.67 6.02 -14.18
C ALA A 357 9.96 4.60 -13.71
N ARG A 358 10.81 3.89 -14.45
CA ARG A 358 11.19 2.53 -14.05
C ARG A 358 11.88 2.54 -12.69
N MET A 359 11.63 1.48 -11.91
CA MET A 359 12.33 1.31 -10.64
C MET A 359 13.78 0.85 -10.87
N ARG A 360 14.56 0.86 -9.79
CA ARG A 360 15.99 0.54 -9.88
C ARG A 360 16.16 -0.98 -9.81
N GLY A 361 16.05 -1.63 -10.97
CA GLY A 361 16.27 -3.05 -11.07
C GLY A 361 17.67 -3.36 -11.59
N ALA A 362 18.19 -4.54 -11.22
CA ALA A 362 19.38 -5.08 -11.85
C ALA A 362 19.08 -5.70 -13.20
N HIS A 363 17.93 -6.34 -13.31
CA HIS A 363 17.31 -6.76 -14.56
C HIS A 363 15.82 -6.39 -14.44
N THR A 364 15.06 -6.64 -15.51
CA THR A 364 13.67 -6.20 -15.60
C THR A 364 13.17 -6.62 -16.99
N ASN A 365 11.85 -6.49 -17.21
CA ASN A 365 11.35 -6.59 -18.57
C ASN A 365 10.17 -5.66 -18.77
N ASP A 366 9.82 -5.44 -20.06
CA ASP A 366 8.76 -4.50 -20.40
C ASP A 366 7.44 -4.91 -19.75
N VAL A 367 7.12 -6.22 -19.78
CA VAL A 367 5.82 -6.65 -19.30
C VAL A 367 5.67 -6.33 -17.81
N LYS A 368 6.75 -6.44 -17.02
CA LYS A 368 6.65 -5.95 -15.66
C LYS A 368 6.55 -4.43 -15.61
N GLN A 369 7.34 -3.73 -16.43
CA GLN A 369 7.28 -2.27 -16.38
C GLN A 369 5.87 -1.79 -16.70
N LEU A 370 5.22 -2.47 -17.65
CA LEU A 370 3.89 -2.08 -18.08
C LEU A 370 2.90 -2.26 -16.95
N THR A 371 2.97 -3.41 -16.28
CA THR A 371 2.09 -3.72 -15.18
C THR A 371 2.18 -2.66 -14.08
N GLU A 372 3.40 -2.26 -13.73
CA GLU A 372 3.55 -1.27 -12.67
C GLU A 372 2.97 0.07 -13.10
N ALA A 373 3.27 0.51 -14.33
CA ALA A 373 2.63 1.70 -14.86
C ALA A 373 1.11 1.59 -14.78
N VAL A 374 0.55 0.40 -15.10
CA VAL A 374 -0.90 0.26 -14.98
C VAL A 374 -1.34 0.49 -13.55
N GLN A 375 -0.65 -0.11 -12.54
CA GLN A 375 -1.13 0.07 -11.17
C GLN A 375 -0.98 1.53 -10.75
N LYS A 376 0.10 2.20 -11.17
CA LYS A 376 0.26 3.60 -10.79
C LYS A 376 -0.88 4.45 -11.37
N ILE A 377 -1.16 4.30 -12.68
CA ILE A 377 -2.30 5.01 -13.24
C ILE A 377 -3.59 4.61 -12.53
N THR A 378 -3.74 3.32 -12.19
CA THR A 378 -4.94 2.88 -11.47
C THR A 378 -5.10 3.65 -10.16
N THR A 379 -4.03 3.75 -9.37
CA THR A 379 -4.10 4.40 -8.06
C THR A 379 -4.37 5.90 -8.20
N GLU A 380 -3.68 6.56 -9.13
CA GLU A 380 -3.93 7.99 -9.37
C GLU A 380 -5.36 8.22 -9.83
N SER A 381 -5.90 7.35 -10.69
CA SER A 381 -7.26 7.59 -11.14
C SER A 381 -8.28 7.43 -10.01
N ILE A 382 -7.99 6.61 -9.00
CA ILE A 382 -8.97 6.46 -7.93
C ILE A 382 -8.91 7.68 -7.02
N VAL A 383 -7.71 8.15 -6.73
CA VAL A 383 -7.54 9.45 -6.08
C VAL A 383 -8.37 10.52 -6.78
N ILE A 384 -8.25 10.64 -8.11
CA ILE A 384 -8.76 11.84 -8.81
C ILE A 384 -10.23 11.73 -9.18
N TRP A 385 -10.72 10.54 -9.57
CA TRP A 385 -12.09 10.38 -10.02
C TRP A 385 -12.87 9.35 -9.24
N GLY A 386 -12.22 8.59 -8.37
CA GLY A 386 -12.93 7.53 -7.70
C GLY A 386 -13.25 6.35 -8.57
N LYS A 387 -12.67 6.26 -9.77
CA LYS A 387 -12.79 5.02 -10.52
C LYS A 387 -11.49 4.78 -11.27
N THR A 388 -11.28 3.50 -11.60
CA THR A 388 -10.28 2.94 -12.48
C THR A 388 -10.63 3.19 -13.95
N PRO A 389 -9.70 3.62 -14.79
CA PRO A 389 -10.01 3.77 -16.21
C PRO A 389 -9.92 2.42 -16.92
N LYS A 390 -10.59 2.34 -18.06
CA LYS A 390 -10.33 1.27 -19.02
C LYS A 390 -9.00 1.54 -19.70
N PHE A 391 -8.18 0.50 -19.88
CA PHE A 391 -6.86 0.75 -20.44
C PHE A 391 -6.81 0.39 -21.92
N LYS A 392 -6.06 1.19 -22.65
CA LYS A 392 -5.54 0.85 -23.98
C LYS A 392 -4.03 0.60 -23.85
N LEU A 393 -3.59 -0.61 -24.16
CA LEU A 393 -2.20 -0.98 -23.91
C LEU A 393 -1.54 -1.55 -25.16
N PRO A 394 -0.26 -1.25 -25.41
CA PRO A 394 0.39 -1.80 -26.59
C PRO A 394 0.95 -3.18 -26.31
N ILE A 395 0.05 -4.14 -26.08
CA ILE A 395 0.46 -5.53 -25.91
C ILE A 395 -0.67 -6.42 -26.41
N GLN A 396 -0.33 -7.38 -27.25
CA GLN A 396 -1.35 -8.29 -27.71
C GLN A 396 -1.91 -9.08 -26.53
N LYS A 397 -3.21 -9.38 -26.60
CA LYS A 397 -3.82 -10.29 -25.65
C LYS A 397 -3.05 -11.60 -25.54
N GLU A 398 -2.66 -12.21 -26.66
CA GLU A 398 -1.87 -13.44 -26.56
C GLU A 398 -0.64 -13.25 -25.69
N THR A 399 0.06 -12.14 -25.89
CA THR A 399 1.29 -11.93 -25.14
C THR A 399 0.99 -11.89 -23.66
N TRP A 400 -0.10 -11.18 -23.29
CA TRP A 400 -0.46 -11.05 -21.89
C TRP A 400 -0.85 -12.40 -21.28
N GLU A 401 -1.57 -13.22 -22.03
CA GLU A 401 -2.00 -14.50 -21.49
C GLU A 401 -0.80 -15.42 -21.21
N THR A 402 0.06 -15.62 -22.20
CA THR A 402 1.25 -16.43 -22.02
C THR A 402 2.07 -15.94 -20.84
N TRP A 403 2.23 -14.61 -20.74
CA TRP A 403 3.05 -14.06 -19.65
C TRP A 403 2.47 -14.37 -18.27
N TRP A 404 1.22 -13.93 -18.00
CA TRP A 404 0.71 -14.10 -16.65
C TRP A 404 0.50 -15.56 -16.30
N THR A 405 0.14 -16.39 -17.28
CA THR A 405 -0.11 -17.77 -16.91
C THR A 405 1.17 -18.52 -16.57
N GLU A 406 2.31 -18.13 -17.13
CA GLU A 406 3.56 -18.83 -16.83
C GLU A 406 4.46 -18.06 -15.87
N TYR A 407 4.10 -16.84 -15.49
CA TYR A 407 4.90 -16.12 -14.51
C TYR A 407 4.74 -16.76 -13.13
N TRP A 408 5.85 -16.90 -12.39
CA TRP A 408 5.79 -17.55 -11.06
C TRP A 408 5.17 -16.63 -10.01
N GLN A 409 5.11 -15.33 -10.22
CA GLN A 409 4.37 -14.46 -9.31
C GLN A 409 2.92 -14.26 -9.77
N ALA A 410 2.08 -13.89 -8.81
CA ALA A 410 0.72 -13.42 -9.09
C ALA A 410 0.73 -12.02 -9.71
N THR A 411 -0.23 -11.75 -10.59
CA THR A 411 -0.22 -10.52 -11.38
C THR A 411 -1.57 -10.29 -12.04
N TRP A 412 -1.89 -9.02 -12.32
CA TRP A 412 -3.21 -8.73 -12.86
C TRP A 412 -3.26 -7.33 -13.44
N ILE A 413 -3.99 -7.18 -14.53
CA ILE A 413 -4.30 -5.89 -15.15
C ILE A 413 -5.81 -5.72 -15.12
N PRO A 414 -6.35 -4.55 -14.78
CA PRO A 414 -7.83 -4.42 -14.90
C PRO A 414 -8.25 -4.35 -16.37
N GLU A 415 -9.53 -4.06 -16.63
CA GLU A 415 -10.09 -4.20 -17.97
C GLU A 415 -9.31 -3.39 -18.98
N TRP A 416 -9.02 -3.98 -20.14
CA TRP A 416 -8.08 -3.33 -21.04
C TRP A 416 -8.20 -3.89 -22.46
N GLU A 417 -7.68 -3.11 -23.41
CA GLU A 417 -7.71 -3.44 -24.83
C GLU A 417 -6.34 -3.23 -25.47
N PHE A 418 -6.08 -4.02 -26.51
CA PHE A 418 -4.88 -3.84 -27.32
C PHE A 418 -5.00 -2.59 -28.19
N VAL A 419 -4.06 -1.66 -28.07
CA VAL A 419 -3.91 -0.58 -29.04
C VAL A 419 -2.61 -0.80 -29.80
N ASN A 420 -2.71 -0.83 -31.12
CA ASN A 420 -1.59 -1.24 -31.98
C ASN A 420 -0.79 -0.03 -32.45
N THR A 421 -0.31 0.74 -31.49
CA THR A 421 0.77 1.66 -31.75
C THR A 421 2.08 1.01 -31.34
N PRO A 422 3.06 0.90 -32.22
CA PRO A 422 4.41 0.43 -31.82
C PRO A 422 5.15 1.48 -31.02
N PRO A 423 6.20 1.09 -30.27
CA PRO A 423 6.73 -0.28 -30.13
C PRO A 423 5.83 -1.14 -29.24
N LEU A 424 5.30 -2.23 -29.80
CA LEU A 424 4.61 -3.22 -29.00
C LEU A 424 5.56 -3.84 -27.99
N VAL A 425 4.97 -4.29 -26.88
CA VAL A 425 5.63 -5.00 -25.79
C VAL A 425 5.49 -6.48 -26.04
N LYS A 426 6.58 -7.20 -26.09
CA LYS A 426 6.50 -8.60 -26.47
C LYS A 426 7.34 -9.45 -25.55
N LEU A 427 7.10 -10.75 -25.60
CA LEU A 427 7.96 -11.70 -24.91
C LEU A 427 9.11 -12.07 -25.86
N TRP A 428 10.34 -11.92 -25.39
CA TRP A 428 11.44 -12.04 -26.33
C TRP A 428 11.87 -13.48 -26.53
N TYR A 429 11.85 -14.27 -25.46
CA TYR A 429 12.25 -15.68 -25.49
C TYR A 429 11.34 -16.48 -24.56
N GLN A 430 11.37 -17.80 -24.70
CA GLN A 430 10.48 -18.62 -23.87
C GLN A 430 11.05 -20.00 -23.65
N LEU A 431 11.41 -20.31 -22.41
CA LEU A 431 12.02 -21.58 -22.09
C LEU A 431 11.03 -22.71 -22.25
N GLU A 432 11.52 -23.86 -22.71
CA GLU A 432 10.71 -25.06 -22.77
C GLU A 432 10.35 -25.55 -21.36
N LYS A 433 9.27 -26.32 -21.28
CA LYS A 433 8.82 -26.98 -20.05
C LYS A 433 9.43 -28.36 -19.86
N GLU A 434 9.93 -28.96 -20.94
CA GLU A 434 10.39 -30.34 -20.93
C GLU A 434 11.62 -30.49 -21.80
N PRO A 435 12.46 -31.46 -21.50
CA PRO A 435 13.64 -31.69 -22.33
C PRO A 435 13.25 -31.91 -23.80
N ILE A 436 14.11 -31.42 -24.69
CA ILE A 436 13.88 -31.41 -26.14
C ILE A 436 14.51 -32.62 -26.79
N VAL A 437 13.69 -33.56 -27.25
CA VAL A 437 14.16 -34.76 -27.96
C VAL A 437 14.90 -34.34 -29.22
N GLY A 438 16.09 -34.90 -29.44
CA GLY A 438 16.84 -34.54 -30.61
C GLY A 438 17.80 -33.35 -30.48
N ALA A 439 17.70 -32.56 -29.43
CA ALA A 439 18.62 -31.45 -29.22
C ALA A 439 19.85 -31.87 -28.43
N GLU A 440 21.00 -31.30 -28.80
CA GLU A 440 22.25 -31.60 -28.10
C GLU A 440 22.14 -31.11 -26.66
N THR A 441 22.71 -31.89 -25.74
CA THR A 441 22.66 -31.61 -24.31
C THR A 441 24.02 -31.10 -23.88
N PHE A 442 24.10 -29.82 -23.50
CA PHE A 442 25.31 -29.23 -22.96
C PHE A 442 25.29 -29.20 -21.42
N TYR A 443 26.17 -29.98 -20.80
CA TYR A 443 26.47 -29.83 -19.39
C TYR A 443 27.49 -28.71 -19.21
N VAL A 444 27.10 -27.60 -18.60
CA VAL A 444 28.00 -26.45 -18.46
C VAL A 444 28.44 -26.33 -17.02
N ASP A 445 29.62 -25.74 -16.81
CA ASP A 445 30.11 -25.46 -15.47
C ASP A 445 31.10 -24.31 -15.54
N GLY A 446 31.19 -23.55 -14.46
CA GLY A 446 32.13 -22.45 -14.35
C GLY A 446 32.58 -22.31 -12.90
N ALA A 447 33.82 -21.87 -12.72
CA ALA A 447 34.32 -21.70 -11.37
C ALA A 447 35.48 -20.72 -11.39
N ALA A 448 35.71 -20.05 -10.25
CA ALA A 448 36.80 -19.10 -10.08
C ALA A 448 37.45 -19.29 -8.72
N ASN A 449 38.56 -18.57 -8.53
CA ASN A 449 39.35 -18.66 -7.32
C ASN A 449 39.25 -17.33 -6.59
N ARG A 450 38.80 -17.38 -5.33
CA ARG A 450 38.51 -16.16 -4.57
C ARG A 450 39.73 -15.26 -4.43
N GLU A 451 40.94 -15.81 -4.53
CA GLU A 451 42.16 -15.02 -4.44
C GLU A 451 42.53 -14.40 -5.79
N THR A 452 42.80 -15.25 -6.77
CA THR A 452 43.34 -14.82 -8.05
C THR A 452 42.34 -14.09 -8.92
N LYS A 453 41.04 -14.25 -8.65
CA LYS A 453 39.98 -13.79 -9.55
C LYS A 453 40.09 -14.45 -10.91
N LEU A 454 40.60 -15.68 -10.92
CA LEU A 454 40.90 -16.44 -12.12
C LEU A 454 40.07 -17.72 -12.13
N GLY A 455 39.43 -17.97 -13.26
CA GLY A 455 38.68 -19.21 -13.32
C GLY A 455 38.43 -19.59 -14.75
N LYS A 456 37.78 -20.71 -14.90
CA LYS A 456 37.43 -21.31 -16.17
C LYS A 456 35.92 -21.36 -16.30
N ALA A 457 35.47 -21.53 -17.53
CA ALA A 457 34.06 -21.67 -17.89
C ALA A 457 34.02 -22.56 -19.13
N GLY A 458 33.18 -23.59 -19.14
CA GLY A 458 33.05 -24.39 -20.34
C GLY A 458 31.91 -25.40 -20.27
N TYR A 459 31.89 -26.32 -21.24
CA TYR A 459 30.85 -27.35 -21.31
C TYR A 459 31.37 -28.65 -21.89
N VAL A 460 30.55 -29.70 -21.72
CA VAL A 460 30.81 -31.04 -22.33
C VAL A 460 29.43 -31.51 -22.81
N THR A 461 29.33 -32.15 -23.97
CA THR A 461 28.02 -32.50 -24.53
C THR A 461 27.91 -33.98 -24.86
N ASN A 462 26.68 -34.39 -25.12
CA ASN A 462 26.45 -35.80 -25.39
C ASN A 462 27.04 -36.21 -26.73
N LYS A 463 27.28 -35.25 -27.65
CA LYS A 463 27.95 -35.51 -28.91
C LYS A 463 29.47 -35.41 -28.84
N GLY A 464 30.06 -35.36 -27.66
CA GLY A 464 31.50 -35.21 -27.56
C GLY A 464 32.04 -33.79 -27.77
N ARG A 465 31.23 -32.83 -28.20
CA ARG A 465 31.65 -31.42 -28.22
C ARG A 465 32.11 -30.99 -26.83
N GLN A 466 33.18 -30.18 -26.74
CA GLN A 466 33.69 -29.70 -25.46
C GLN A 466 34.32 -28.34 -25.65
N LYS A 467 34.39 -27.58 -24.56
CA LYS A 467 35.14 -26.32 -24.53
C LYS A 467 35.41 -25.92 -23.09
N VAL A 468 36.60 -25.33 -22.86
CA VAL A 468 36.94 -24.62 -21.63
C VAL A 468 37.70 -23.37 -22.05
N VAL A 469 37.28 -22.22 -21.52
CA VAL A 469 37.97 -20.96 -21.74
C VAL A 469 38.48 -20.54 -20.38
N PRO A 470 39.70 -20.03 -20.26
CA PRO A 470 40.16 -19.52 -18.97
C PRO A 470 39.87 -18.02 -18.89
N LEU A 471 39.64 -17.52 -17.67
CA LEU A 471 39.22 -16.13 -17.52
C LEU A 471 39.97 -15.43 -16.40
N THR A 472 40.29 -14.15 -16.63
CA THR A 472 40.94 -13.31 -15.63
C THR A 472 39.91 -12.44 -14.95
N ASN A 473 40.15 -12.14 -13.67
CA ASN A 473 39.42 -11.06 -13.00
C ASN A 473 37.91 -11.34 -13.03
N THR A 474 37.53 -12.36 -12.25
CA THR A 474 36.21 -12.94 -12.39
C THR A 474 35.87 -13.69 -11.11
N THR A 475 34.64 -14.18 -11.05
CA THR A 475 34.06 -14.70 -9.82
C THR A 475 33.20 -15.90 -10.18
N ASN A 476 32.88 -16.71 -9.17
CA ASN A 476 32.01 -17.85 -9.46
C ASN A 476 30.72 -17.42 -10.16
N GLN A 477 30.12 -16.32 -9.75
CA GLN A 477 28.86 -15.98 -10.42
C GLN A 477 29.07 -15.58 -11.87
N LYS A 478 30.12 -14.83 -12.17
CA LYS A 478 30.38 -14.54 -13.58
C LYS A 478 30.65 -15.81 -14.37
N THR A 479 31.39 -16.77 -13.80
CA THR A 479 31.81 -17.87 -14.66
C THR A 479 30.67 -18.85 -14.92
N GLU A 480 29.80 -19.06 -13.91
CA GLU A 480 28.60 -19.86 -14.11
C GLU A 480 27.74 -19.31 -15.26
N LEU A 481 27.65 -17.98 -15.38
CA LEU A 481 26.86 -17.37 -16.45
C LEU A 481 27.54 -17.51 -17.79
N GLN A 482 28.86 -17.23 -17.82
CA GLN A 482 29.66 -17.39 -19.03
C GLN A 482 29.53 -18.79 -19.58
N ALA A 483 29.56 -19.78 -18.69
CA ALA A 483 29.43 -21.16 -19.16
C ALA A 483 28.11 -21.37 -19.90
N ILE A 484 26.99 -20.80 -19.39
CA ILE A 484 25.73 -20.90 -20.14
C ILE A 484 25.84 -20.18 -21.47
N TYR A 485 26.41 -18.98 -21.45
CA TYR A 485 26.64 -18.22 -22.67
C TYR A 485 27.47 -18.98 -23.69
N LEU A 486 28.49 -19.74 -23.24
CA LEU A 486 29.24 -20.55 -24.20
C LEU A 486 28.35 -21.57 -24.86
N ALA A 487 27.52 -22.27 -24.09
CA ALA A 487 26.68 -23.28 -24.69
C ALA A 487 25.68 -22.65 -25.65
N LEU A 488 25.27 -21.39 -25.39
CA LEU A 488 24.30 -20.80 -26.32
C LEU A 488 24.95 -20.47 -27.65
N GLN A 489 26.17 -19.90 -27.65
CA GLN A 489 26.85 -19.61 -28.92
C GLN A 489 27.14 -20.87 -29.71
N ASP A 490 27.59 -21.93 -29.08
CA ASP A 490 28.09 -23.04 -29.86
C ASP A 490 27.05 -24.09 -30.18
N SER A 491 25.78 -23.86 -29.84
CA SER A 491 24.75 -24.86 -30.05
C SER A 491 23.86 -24.40 -31.20
N GLY A 492 23.13 -25.34 -31.79
CA GLY A 492 22.20 -25.00 -32.85
C GLY A 492 20.91 -24.30 -32.42
N LEU A 493 19.85 -24.45 -33.22
CA LEU A 493 18.62 -23.73 -32.93
C LEU A 493 17.84 -24.33 -31.75
N GLU A 494 18.19 -25.55 -31.34
CA GLU A 494 17.47 -26.26 -30.30
C GLU A 494 18.48 -26.84 -29.33
N VAL A 495 18.31 -26.59 -28.03
CA VAL A 495 19.39 -26.97 -27.14
C VAL A 495 18.86 -27.25 -25.74
N ASN A 496 19.42 -28.27 -25.12
CA ASN A 496 19.15 -28.55 -23.70
C ASN A 496 20.39 -28.18 -22.90
N ILE A 497 20.23 -27.39 -21.85
CA ILE A 497 21.37 -26.94 -21.07
C ILE A 497 21.22 -27.41 -19.63
N VAL A 498 22.27 -28.02 -19.07
CA VAL A 498 22.28 -28.44 -17.67
C VAL A 498 23.28 -27.57 -16.89
N THR A 499 22.82 -26.94 -15.81
CA THR A 499 23.69 -26.13 -14.97
C THR A 499 23.58 -26.57 -13.51
N ASP A 500 24.62 -26.30 -12.73
CA ASP A 500 24.44 -26.41 -11.29
C ASP A 500 24.26 -25.05 -10.62
N SER A 501 24.21 -23.96 -11.40
CA SER A 501 24.19 -22.62 -10.83
C SER A 501 22.76 -22.24 -10.45
N GLN A 502 22.45 -22.26 -9.15
CA GLN A 502 21.18 -21.68 -8.68
C GLN A 502 21.11 -20.20 -9.02
N TYR A 503 22.23 -19.49 -8.91
CA TYR A 503 22.27 -18.07 -9.29
C TYR A 503 21.87 -17.87 -10.75
N ALA A 504 22.46 -18.66 -11.67
CA ALA A 504 22.16 -18.49 -13.08
C ALA A 504 20.71 -18.76 -13.36
N LEU A 505 20.15 -19.79 -12.73
CA LEU A 505 18.72 -20.08 -12.83
C LEU A 505 17.85 -18.93 -12.33
N GLY A 506 18.12 -18.42 -11.13
CA GLY A 506 17.31 -17.33 -10.60
C GLY A 506 17.17 -16.19 -11.59
N ILE A 507 18.28 -15.85 -12.25
CA ILE A 507 18.28 -14.75 -13.21
C ILE A 507 17.38 -15.07 -14.39
N ILE A 508 17.45 -16.30 -14.89
CA ILE A 508 16.70 -16.63 -16.09
C ILE A 508 15.24 -16.96 -15.77
N GLN A 509 14.96 -17.57 -14.62
CA GLN A 509 13.58 -17.81 -14.24
C GLN A 509 12.81 -16.51 -13.94
N ALA A 510 13.50 -15.37 -13.85
CA ALA A 510 12.84 -14.08 -13.75
C ALA A 510 12.59 -13.44 -15.11
N GLN A 511 13.00 -14.10 -16.18
CA GLN A 511 12.81 -13.64 -17.55
C GLN A 511 13.10 -12.16 -17.77
N PRO A 512 14.35 -11.72 -17.60
CA PRO A 512 14.68 -10.35 -18.00
C PRO A 512 14.67 -10.24 -19.51
N ASP A 513 14.47 -9.02 -20.02
CA ASP A 513 14.78 -8.74 -21.41
C ASP A 513 15.78 -7.60 -21.56
N LYS A 514 16.41 -7.20 -20.46
CA LYS A 514 17.44 -6.17 -20.38
C LYS A 514 18.02 -6.25 -18.97
N SER A 515 19.32 -5.97 -18.85
CA SER A 515 20.05 -6.14 -17.60
C SER A 515 21.14 -5.10 -17.49
N GLU A 516 21.56 -4.85 -16.25
CA GLU A 516 22.71 -3.98 -16.04
C GLU A 516 23.99 -4.71 -16.45
N SER A 517 24.09 -6.01 -16.14
CA SER A 517 25.25 -6.82 -16.50
C SER A 517 25.26 -7.15 -17.98
N GLU A 518 26.34 -6.79 -18.67
CA GLU A 518 26.42 -7.02 -20.11
C GLU A 518 26.61 -8.49 -20.45
N LEU A 519 27.08 -9.30 -19.50
CA LEU A 519 27.04 -10.74 -19.71
C LEU A 519 25.60 -11.23 -19.81
N VAL A 520 24.71 -10.72 -18.94
CA VAL A 520 23.31 -11.14 -18.97
C VAL A 520 22.65 -10.72 -20.28
N ASN A 521 22.98 -9.53 -20.79
CA ASN A 521 22.38 -9.13 -22.06
C ASN A 521 22.85 -9.99 -23.21
N GLN A 522 24.07 -10.54 -23.15
CA GLN A 522 24.51 -11.35 -24.28
C GLN A 522 23.83 -12.71 -24.27
N ILE A 523 23.62 -13.26 -23.08
CA ILE A 523 22.80 -14.46 -22.99
C ILE A 523 21.41 -14.17 -23.55
N ILE A 524 20.74 -13.10 -23.04
CA ILE A 524 19.40 -12.74 -23.53
C ILE A 524 19.38 -12.68 -25.04
N GLU A 525 20.32 -11.92 -25.60
CA GLU A 525 20.42 -11.81 -27.07
C GLU A 525 20.63 -13.20 -27.67
N GLN A 526 21.31 -14.10 -26.96
CA GLN A 526 21.43 -15.43 -27.58
C GLN A 526 20.11 -16.17 -27.52
N LEU A 527 19.37 -16.04 -26.41
CA LEU A 527 18.10 -16.76 -26.28
C LEU A 527 17.15 -16.37 -27.41
N ILE A 528 17.06 -15.07 -27.71
CA ILE A 528 16.25 -14.57 -28.80
C ILE A 528 16.55 -15.27 -30.12
N LYS A 529 17.82 -15.62 -30.38
CA LYS A 529 18.00 -16.25 -31.68
C LYS A 529 17.63 -17.74 -31.69
N LYS A 530 17.30 -18.33 -30.54
CA LYS A 530 17.05 -19.76 -30.41
C LYS A 530 15.62 -20.12 -30.81
N GLU A 531 15.42 -21.37 -31.22
CA GLU A 531 14.04 -21.83 -31.36
C GLU A 531 13.50 -22.39 -30.04
N LYS A 532 14.23 -23.30 -29.41
CA LYS A 532 13.75 -24.00 -28.23
C LYS A 532 14.90 -24.15 -27.25
N VAL A 533 14.75 -23.63 -26.03
CA VAL A 533 15.78 -23.80 -25.00
C VAL A 533 15.11 -24.41 -23.78
N TYR A 534 15.63 -25.55 -23.35
CA TYR A 534 15.30 -26.20 -22.08
C TYR A 534 16.49 -26.05 -21.14
N LEU A 535 16.27 -25.41 -19.99
CA LEU A 535 17.26 -25.16 -18.96
C LEU A 535 16.93 -26.01 -17.75
N ALA A 536 17.87 -26.86 -17.37
CA ALA A 536 17.71 -27.83 -16.31
C ALA A 536 18.76 -27.60 -15.23
N TRP A 537 18.33 -27.61 -13.98
CA TRP A 537 19.22 -27.46 -12.84
C TRP A 537 19.53 -28.83 -12.22
N VAL A 538 20.75 -28.98 -11.68
CA VAL A 538 21.13 -30.13 -10.82
C VAL A 538 21.95 -29.63 -9.64
N PRO A 539 21.91 -30.37 -8.54
CA PRO A 539 22.77 -30.04 -7.40
C PRO A 539 24.24 -30.23 -7.75
N ALA A 540 25.07 -29.30 -7.30
CA ALA A 540 26.51 -29.37 -7.50
C ALA A 540 27.13 -30.46 -6.62
N HIS A 541 28.37 -30.83 -6.95
CA HIS A 541 29.15 -31.76 -6.08
C HIS A 541 28.45 -33.09 -5.81
N LYS A 542 27.49 -33.48 -6.65
CA LYS A 542 26.87 -34.83 -6.46
C LYS A 542 27.43 -35.75 -7.53
N GLY A 543 28.48 -35.31 -8.23
CA GLY A 543 29.04 -36.12 -9.33
C GLY A 543 27.94 -36.50 -10.30
N ILE A 544 27.23 -35.51 -10.84
CA ILE A 544 26.06 -35.80 -11.72
C ILE A 544 26.48 -35.66 -13.19
N GLY A 545 26.23 -36.70 -14.00
CA GLY A 545 26.50 -36.61 -15.44
C GLY A 545 27.79 -35.87 -15.74
N GLY A 546 27.71 -34.83 -16.57
CA GLY A 546 28.91 -34.07 -16.95
C GLY A 546 29.13 -32.89 -16.03
N ASN A 547 29.00 -33.10 -14.72
CA ASN A 547 29.30 -32.01 -13.76
C ASN A 547 30.83 -31.93 -13.58
N GLU A 548 31.42 -30.77 -13.89
CA GLU A 548 32.89 -30.60 -13.77
C GLU A 548 33.21 -29.81 -12.49
N ASP A 551 37.98 -29.71 -14.56
CA ASP A 551 38.04 -29.17 -15.94
C ASP A 551 37.87 -27.65 -15.89
N LYS A 552 36.86 -27.17 -15.18
CA LYS A 552 36.59 -25.71 -15.10
C LYS A 552 37.01 -25.17 -13.72
N LEU A 553 37.66 -26.02 -12.91
CA LEU A 553 38.10 -25.60 -11.56
C LEU A 553 39.58 -25.96 -11.36
N VAL A 554 40.35 -26.01 -12.45
CA VAL A 554 41.80 -26.38 -12.37
C VAL A 554 42.62 -25.10 -12.19
N PRO B 4 -23.80 -2.73 33.90
CA PRO B 4 -23.40 -2.65 32.50
C PRO B 4 -22.75 -1.30 32.16
N ILE B 5 -23.20 -0.26 32.88
CA ILE B 5 -22.79 1.11 32.59
C ILE B 5 -21.28 1.27 32.72
N GLU B 6 -20.68 0.52 33.64
CA GLU B 6 -19.24 0.54 33.80
C GLU B 6 -18.58 0.18 32.47
N THR B 7 -17.61 1.00 32.07
CA THR B 7 -16.84 0.79 30.85
C THR B 7 -15.47 0.26 31.28
N VAL B 8 -15.18 -0.99 30.91
CA VAL B 8 -13.92 -1.66 31.24
C VAL B 8 -12.71 -0.82 30.83
N PRO B 9 -11.94 -0.29 31.78
CA PRO B 9 -10.84 0.63 31.44
C PRO B 9 -9.78 -0.07 30.60
N VAL B 10 -9.13 0.72 29.74
CA VAL B 10 -8.15 0.21 28.79
C VAL B 10 -7.05 1.26 28.64
N LYS B 11 -5.83 0.79 28.36
CA LYS B 11 -4.75 1.69 28.02
C LYS B 11 -3.89 1.01 26.95
N LEU B 12 -2.95 1.77 26.39
CA LEU B 12 -1.94 1.18 25.52
C LEU B 12 -0.84 0.53 26.37
N LYS B 13 0.07 -0.18 25.71
CA LYS B 13 1.24 -0.66 26.41
C LYS B 13 2.13 0.52 26.77
N PRO B 14 2.91 0.41 27.86
CA PRO B 14 3.68 1.56 28.34
C PRO B 14 4.58 2.16 27.27
N GLY B 15 4.45 3.48 27.10
CA GLY B 15 5.39 4.25 26.29
C GLY B 15 5.11 4.32 24.81
N MET B 16 3.84 4.17 24.40
CA MET B 16 3.48 4.23 22.99
C MET B 16 2.33 5.20 22.77
N ASP B 17 2.33 5.82 21.59
CA ASP B 17 1.24 6.67 21.15
C ASP B 17 0.29 5.88 20.25
N GLY B 18 -0.97 6.33 20.19
CA GLY B 18 -1.97 5.69 19.38
C GLY B 18 -1.71 5.80 17.89
N PRO B 19 -2.48 5.07 17.10
CA PRO B 19 -2.19 4.95 15.67
C PRO B 19 -2.30 6.29 14.95
N LYS B 20 -1.38 6.52 14.01
CA LYS B 20 -1.56 7.64 13.07
C LYS B 20 -1.21 7.07 11.69
N VAL B 21 -2.18 6.42 11.06
CA VAL B 21 -1.98 5.73 9.77
C VAL B 21 -2.74 6.44 8.66
N LYS B 22 -2.06 6.68 7.53
CA LYS B 22 -2.72 7.30 6.38
C LYS B 22 -3.91 6.45 5.94
N GLN B 23 -5.06 7.07 5.78
CA GLN B 23 -6.15 6.42 5.07
C GLN B 23 -5.79 6.37 3.59
N TRP B 24 -6.18 5.26 2.89
CA TRP B 24 -5.79 5.19 1.48
C TRP B 24 -6.98 5.48 0.58
N PRO B 25 -6.75 5.77 -0.70
CA PRO B 25 -7.88 6.10 -1.59
C PRO B 25 -8.86 4.97 -1.74
N LEU B 26 -10.15 5.34 -1.77
CA LEU B 26 -11.29 4.46 -1.99
C LEU B 26 -12.07 4.88 -3.22
N THR B 27 -12.61 3.91 -3.95
CA THR B 27 -13.47 4.18 -5.09
C THR B 27 -14.74 4.87 -4.64
N GLU B 28 -15.42 5.51 -5.59
CA GLU B 28 -16.61 6.29 -5.25
C GLU B 28 -17.72 5.43 -4.67
N GLU B 29 -17.89 4.21 -5.19
CA GLU B 29 -19.01 3.41 -4.68
C GLU B 29 -18.75 2.92 -3.26
N LYS B 30 -17.50 2.62 -2.92
CA LYS B 30 -17.19 2.25 -1.55
C LYS B 30 -17.27 3.46 -0.63
N ILE B 31 -16.91 4.65 -1.12
CA ILE B 31 -17.12 5.85 -0.33
C ILE B 31 -18.59 6.04 -0.06
N LYS B 32 -19.43 5.87 -1.08
CA LYS B 32 -20.87 6.01 -0.89
C LYS B 32 -21.34 5.05 0.19
N ALA B 33 -20.90 3.80 0.11
CA ALA B 33 -21.37 2.78 1.04
C ALA B 33 -20.98 3.10 2.48
N LEU B 34 -19.74 3.48 2.70
CA LEU B 34 -19.35 3.89 4.05
C LEU B 34 -20.08 5.14 4.50
N VAL B 35 -20.66 5.90 3.57
CA VAL B 35 -21.43 7.07 3.97
C VAL B 35 -22.78 6.63 4.54
N GLU B 36 -23.53 5.85 3.76
CA GLU B 36 -24.77 5.28 4.28
C GLU B 36 -24.52 4.52 5.58
N ILE B 37 -23.48 3.69 5.63
CA ILE B 37 -23.21 2.90 6.82
C ILE B 37 -22.93 3.80 8.03
N CYS B 38 -21.97 4.72 7.88
CA CYS B 38 -21.52 5.51 9.03
C CYS B 38 -22.49 6.62 9.45
N THR B 39 -23.67 6.70 8.81
CA THR B 39 -24.69 7.67 9.19
C THR B 39 -25.66 7.09 10.22
N GLU B 40 -25.90 5.77 10.19
CA GLU B 40 -26.62 5.09 11.27
C GLU B 40 -25.74 4.84 12.48
N MET B 41 -24.44 4.63 12.29
CA MET B 41 -23.56 4.38 13.42
C MET B 41 -23.47 5.59 14.35
N GLU B 42 -23.66 6.80 13.82
CA GLU B 42 -23.80 7.96 14.70
C GLU B 42 -25.19 8.02 15.31
N LYS B 43 -26.21 7.82 14.49
CA LYS B 43 -27.60 7.78 14.95
C LYS B 43 -27.84 6.70 15.99
N GLU B 44 -26.99 5.67 16.06
CA GLU B 44 -27.04 4.67 17.11
C GLU B 44 -25.88 4.82 18.09
N GLY B 45 -25.29 6.02 18.19
CA GLY B 45 -24.20 6.31 19.12
C GLY B 45 -22.98 5.40 19.09
N LYS B 46 -22.90 4.54 18.07
CA LYS B 46 -21.74 3.65 17.97
C LYS B 46 -20.48 4.44 17.67
N ILE B 47 -20.60 5.52 16.88
CA ILE B 47 -19.53 6.48 16.63
C ILE B 47 -20.10 7.88 16.65
N SER B 48 -19.21 8.88 16.70
CA SER B 48 -19.54 10.29 16.83
C SER B 48 -18.41 11.11 16.27
N LYS B 49 -18.73 12.26 15.70
CA LYS B 49 -17.71 13.05 15.03
C LYS B 49 -16.73 13.67 16.04
N ILE B 50 -15.56 14.05 15.52
CA ILE B 50 -14.45 14.58 16.32
C ILE B 50 -13.91 15.83 15.63
N GLY B 51 -13.03 16.54 16.32
CA GLY B 51 -12.41 17.71 15.75
C GLY B 51 -10.90 17.55 15.66
N PRO B 52 -10.21 18.61 15.22
CA PRO B 52 -8.76 18.52 14.97
C PRO B 52 -7.89 18.23 16.20
N GLU B 53 -8.43 18.37 17.41
CA GLU B 53 -7.69 18.00 18.62
C GLU B 53 -7.20 16.54 18.55
N ASN B 54 -7.98 15.67 17.92
CA ASN B 54 -7.69 14.26 17.67
C ASN B 54 -6.76 14.11 16.46
N PRO B 55 -5.50 13.70 16.65
CA PRO B 55 -4.62 13.39 15.51
C PRO B 55 -4.54 11.91 15.14
N TYR B 56 -5.28 11.06 15.83
CA TYR B 56 -5.13 9.62 15.63
C TYR B 56 -5.96 9.16 14.44
N ASN B 57 -5.47 8.13 13.76
CA ASN B 57 -6.12 7.70 12.53
C ASN B 57 -5.81 6.25 12.18
N THR B 58 -6.89 5.51 11.87
CA THR B 58 -6.88 4.09 11.53
C THR B 58 -7.65 3.83 10.24
N PRO B 59 -7.03 3.21 9.24
CA PRO B 59 -7.67 3.08 7.92
C PRO B 59 -8.95 2.26 7.95
N VAL B 60 -9.79 2.51 6.95
CA VAL B 60 -11.15 1.99 6.91
C VAL B 60 -11.52 1.78 5.44
N PHE B 61 -12.26 0.70 5.16
CA PHE B 61 -12.77 0.50 3.81
C PHE B 61 -13.98 -0.42 3.83
N ALA B 62 -14.40 -0.86 2.66
CA ALA B 62 -15.70 -1.49 2.46
C ALA B 62 -15.50 -2.79 1.73
N ILE B 63 -16.29 -3.80 2.10
CA ILE B 63 -16.23 -5.13 1.50
C ILE B 63 -17.66 -5.61 1.31
N LYS B 64 -17.83 -6.59 0.46
CA LYS B 64 -18.97 -7.49 0.51
C LYS B 64 -18.54 -8.74 1.25
N LYS B 65 -19.32 -9.15 2.24
CA LYS B 65 -19.13 -10.47 2.84
C LYS B 65 -19.78 -11.50 1.92
N LYS B 66 -19.80 -12.76 2.38
CA LYS B 66 -20.17 -13.88 1.52
C LYS B 66 -21.64 -13.85 1.15
N ASP B 67 -21.92 -13.98 -0.16
CA ASP B 67 -23.28 -14.18 -0.68
C ASP B 67 -24.26 -13.09 -0.19
N SER B 68 -23.80 -11.85 -0.17
CA SER B 68 -24.66 -10.73 0.15
C SER B 68 -24.18 -9.52 -0.66
N THR B 69 -25.13 -8.70 -1.11
CA THR B 69 -24.82 -7.45 -1.80
C THR B 69 -24.83 -6.24 -0.85
N LYS B 70 -24.97 -6.46 0.45
CA LYS B 70 -24.96 -5.38 1.43
C LYS B 70 -23.52 -5.07 1.83
N TRP B 71 -23.05 -3.87 1.49
CA TRP B 71 -21.71 -3.43 1.87
C TRP B 71 -21.52 -3.42 3.39
N ARG B 72 -20.36 -3.91 3.81
CA ARG B 72 -19.94 -3.96 5.20
C ARG B 72 -18.64 -3.19 5.35
N LYS B 73 -18.37 -2.71 6.54
CA LYS B 73 -17.25 -1.82 6.79
C LYS B 73 -16.21 -2.50 7.66
N LEU B 74 -14.94 -2.37 7.26
CA LEU B 74 -13.84 -2.89 8.02
C LEU B 74 -12.87 -1.77 8.38
N VAL B 75 -12.25 -1.89 9.53
CA VAL B 75 -11.22 -0.96 9.96
C VAL B 75 -9.94 -1.76 10.15
N ASP B 76 -8.83 -1.22 9.65
CA ASP B 76 -7.55 -1.91 9.69
C ASP B 76 -6.90 -1.66 11.05
N PHE B 77 -7.34 -2.42 12.03
CA PHE B 77 -6.89 -2.23 13.40
C PHE B 77 -5.50 -2.80 13.65
N ARG B 78 -4.75 -3.11 12.60
CA ARG B 78 -3.46 -3.78 12.75
C ARG B 78 -2.45 -2.94 13.53
N GLU B 79 -2.44 -1.62 13.37
CA GLU B 79 -1.47 -0.85 14.13
C GLU B 79 -1.96 -0.53 15.53
N LEU B 80 -3.27 -0.44 15.73
CA LEU B 80 -3.75 -0.28 17.09
C LEU B 80 -3.64 -1.58 17.87
N ASN B 81 -3.74 -2.72 17.19
CA ASN B 81 -3.74 -4.00 17.89
C ASN B 81 -2.36 -4.38 18.40
N LYS B 82 -1.31 -3.93 17.73
CA LYS B 82 0.04 -4.10 18.25
C LYS B 82 0.44 -2.99 19.21
N ARG B 83 -0.39 -1.94 19.35
CA ARG B 83 -0.21 -0.90 20.34
C ARG B 83 -1.17 -1.01 21.52
N THR B 84 -2.19 -1.85 21.39
CA THR B 84 -3.10 -2.11 22.48
C THR B 84 -2.38 -2.88 23.58
N GLN B 85 -2.71 -2.56 24.84
CA GLN B 85 -2.16 -3.27 25.99
C GLN B 85 -2.35 -4.78 25.81
N ASP B 86 -1.43 -5.56 26.39
CA ASP B 86 -1.47 -7.02 26.23
C ASP B 86 -2.86 -7.59 26.45
N PHE B 87 -3.68 -6.89 27.24
CA PHE B 87 -5.00 -7.37 27.63
C PHE B 87 -4.91 -8.74 28.29
N TRP B 88 -3.84 -8.93 29.05
CA TRP B 88 -3.60 -10.18 29.75
C TRP B 88 -4.66 -10.47 30.81
N GLU B 89 -5.43 -9.46 31.20
CA GLU B 89 -6.44 -9.57 32.25
C GLU B 89 -7.34 -10.81 32.10
N ILE B 94 -7.21 -18.53 27.97
CA ILE B 94 -7.94 -19.24 26.91
C ILE B 94 -7.05 -20.22 26.16
N PRO B 95 -6.58 -21.27 26.87
CA PRO B 95 -5.73 -22.27 26.22
C PRO B 95 -6.45 -22.84 25.02
N HIS B 96 -5.74 -22.90 23.90
CA HIS B 96 -6.41 -23.10 22.62
C HIS B 96 -7.18 -24.42 22.65
N PRO B 97 -8.39 -24.45 22.15
CA PRO B 97 -9.14 -25.70 22.11
C PRO B 97 -8.56 -26.63 21.07
N ALA B 98 -7.54 -27.42 21.47
CA ALA B 98 -7.01 -28.45 20.59
C ALA B 98 -8.09 -29.46 20.19
N GLY B 99 -9.19 -29.53 20.94
CA GLY B 99 -10.32 -30.32 20.48
C GLY B 99 -10.88 -29.81 19.17
N LEU B 100 -10.81 -28.49 18.95
CA LEU B 100 -11.44 -27.88 17.77
C LEU B 100 -10.78 -28.30 16.47
N LYS B 101 -9.46 -28.54 16.47
CA LYS B 101 -8.76 -28.90 15.22
C LYS B 101 -8.99 -30.37 14.81
N LYS B 102 -9.50 -31.22 15.71
CA LYS B 102 -9.79 -32.63 15.43
C LYS B 102 -11.25 -32.91 15.11
N LYS B 103 -12.15 -31.95 15.29
CA LYS B 103 -13.57 -32.18 15.08
C LYS B 103 -13.91 -32.37 13.60
N LYS B 104 -14.78 -33.34 13.32
CA LYS B 104 -15.10 -33.68 11.94
C LYS B 104 -15.70 -32.50 11.18
N SER B 105 -16.37 -31.59 11.89
CA SER B 105 -16.83 -30.37 11.24
C SER B 105 -16.71 -29.21 12.22
N VAL B 106 -16.58 -28.01 11.66
CA VAL B 106 -16.46 -26.77 12.44
C VAL B 106 -17.15 -25.66 11.66
N THR B 107 -18.14 -25.00 12.27
CA THR B 107 -18.81 -23.88 11.63
C THR B 107 -18.33 -22.57 12.25
N VAL B 108 -18.11 -21.57 11.39
CA VAL B 108 -17.70 -20.24 11.80
C VAL B 108 -18.94 -19.35 11.84
N LEU B 109 -19.16 -18.67 12.97
CA LEU B 109 -20.31 -17.80 13.14
C LEU B 109 -19.83 -16.39 13.48
N ASP B 110 -20.45 -15.40 12.84
CA ASP B 110 -20.12 -14.00 13.09
C ASP B 110 -20.84 -13.52 14.35
N VAL B 111 -20.07 -13.10 15.34
CA VAL B 111 -20.63 -12.68 16.63
C VAL B 111 -20.34 -11.23 16.95
N GLY B 112 -19.36 -10.60 16.29
CA GLY B 112 -19.04 -9.21 16.55
C GLY B 112 -20.13 -8.25 16.13
N ASP B 113 -21.24 -8.79 15.60
CA ASP B 113 -22.43 -7.98 15.33
C ASP B 113 -23.02 -7.39 16.61
N ALA B 114 -22.64 -7.94 17.78
CA ALA B 114 -23.15 -7.51 19.06
C ALA B 114 -22.08 -6.93 19.99
N TYR B 115 -20.83 -6.82 19.54
CA TYR B 115 -19.85 -6.09 20.33
C TYR B 115 -20.28 -4.65 20.57
N PHE B 116 -21.15 -4.10 19.72
CA PHE B 116 -21.50 -2.69 19.70
C PHE B 116 -22.39 -2.25 20.85
N SER B 117 -22.92 -3.20 21.64
CA SER B 117 -23.82 -2.92 22.74
C SER B 117 -23.09 -2.58 24.03
N VAL B 118 -21.77 -2.38 24.00
CA VAL B 118 -20.99 -2.10 25.20
C VAL B 118 -20.12 -0.86 25.00
N PRO B 119 -20.07 0.08 25.98
CA PRO B 119 -19.33 1.35 25.76
C PRO B 119 -17.83 1.18 25.82
N LEU B 120 -17.09 2.26 25.76
CA LEU B 120 -15.64 2.19 25.71
C LEU B 120 -15.06 3.27 26.59
N ASP B 121 -13.96 2.96 27.24
CA ASP B 121 -13.32 3.90 28.14
C ASP B 121 -13.09 5.22 27.41
N GLU B 122 -13.77 6.26 27.92
CA GLU B 122 -13.83 7.55 27.26
C GLU B 122 -12.45 8.03 26.84
N ASP B 123 -11.41 7.62 27.57
CA ASP B 123 -10.05 8.07 27.28
C ASP B 123 -9.47 7.39 26.04
N PHE B 124 -9.93 6.18 25.71
CA PHE B 124 -9.30 5.41 24.60
C PHE B 124 -9.95 5.69 23.24
N ARG B 125 -11.21 6.13 23.21
CA ARG B 125 -11.93 6.30 21.93
C ARG B 125 -11.06 7.11 20.95
N LYS B 126 -10.27 8.05 21.49
CA LYS B 126 -9.42 8.92 20.63
C LYS B 126 -8.50 8.08 19.75
N TYR B 127 -8.19 6.85 20.19
CA TYR B 127 -7.25 5.99 19.43
C TYR B 127 -7.99 5.20 18.35
N THR B 128 -9.33 5.21 18.39
CA THR B 128 -10.14 4.50 17.36
C THR B 128 -10.63 5.52 16.33
N ALA B 129 -9.74 6.40 15.84
CA ALA B 129 -10.19 7.46 14.94
C ALA B 129 -9.94 7.12 13.49
N PHE B 130 -10.93 7.40 12.66
CA PHE B 130 -10.83 7.15 11.24
C PHE B 130 -11.52 8.26 10.46
N THR B 131 -11.34 8.19 9.14
CA THR B 131 -11.81 9.18 8.18
C THR B 131 -12.50 8.43 7.05
N ILE B 132 -13.74 8.78 6.74
CA ILE B 132 -14.23 8.50 5.39
C ILE B 132 -13.55 9.47 4.43
N PRO B 133 -12.97 9.01 3.33
CA PRO B 133 -12.24 9.92 2.48
C PRO B 133 -13.15 10.50 1.41
N SER B 134 -12.69 11.60 0.83
CA SER B 134 -13.35 12.21 -0.30
C SER B 134 -12.51 12.03 -1.56
N ILE B 135 -13.21 11.89 -2.68
CA ILE B 135 -12.58 11.93 -3.99
C ILE B 135 -11.83 13.25 -4.23
N ASN B 136 -10.68 13.15 -4.87
CA ASN B 136 -9.90 14.29 -5.37
C ASN B 136 -9.67 15.37 -4.30
N ASN B 137 -9.72 15.02 -3.01
CA ASN B 137 -9.44 15.97 -1.92
C ASN B 137 -10.38 17.18 -1.91
N GLU B 138 -11.54 17.04 -2.54
CA GLU B 138 -12.45 18.16 -2.71
C GLU B 138 -12.98 18.62 -1.35
N THR B 139 -13.36 17.70 -0.49
CA THR B 139 -13.77 18.01 0.86
C THR B 139 -12.75 17.48 1.87
N PRO B 140 -12.64 18.08 3.05
CA PRO B 140 -11.96 17.39 4.15
C PRO B 140 -12.64 16.05 4.42
N GLY B 141 -11.88 15.11 4.96
CA GLY B 141 -12.49 13.82 5.26
C GLY B 141 -13.48 13.92 6.41
N ILE B 142 -14.54 13.12 6.33
CA ILE B 142 -15.38 12.86 7.50
C ILE B 142 -14.63 12.05 8.55
N ARG B 143 -14.12 12.68 9.62
CA ARG B 143 -13.48 11.93 10.72
C ARG B 143 -14.52 11.40 11.70
N TYR B 144 -14.08 10.50 12.58
CA TYR B 144 -14.99 9.78 13.46
C TYR B 144 -14.22 9.13 14.59
N GLN B 145 -14.94 8.73 15.65
CA GLN B 145 -14.36 7.91 16.70
C GLN B 145 -15.39 6.94 17.25
N TYR B 146 -14.90 5.80 17.72
CA TYR B 146 -15.78 4.78 18.26
C TYR B 146 -16.14 5.09 19.72
N ASN B 147 -17.44 5.00 20.01
CA ASN B 147 -18.00 5.10 21.36
C ASN B 147 -18.19 3.75 22.00
N VAL B 148 -18.42 2.71 21.19
CA VAL B 148 -18.71 1.35 21.62
C VAL B 148 -17.50 0.49 21.26
N LEU B 149 -17.58 -0.80 21.54
CA LEU B 149 -16.46 -1.71 21.22
C LEU B 149 -16.48 -2.04 19.73
N PRO B 150 -15.37 -1.82 19.00
CA PRO B 150 -15.38 -1.97 17.53
C PRO B 150 -14.96 -3.34 17.02
N GLN B 151 -15.64 -3.80 15.96
CA GLN B 151 -15.23 -5.04 15.30
C GLN B 151 -13.84 -4.87 14.71
N GLY B 152 -12.98 -5.87 14.90
CA GLY B 152 -11.61 -5.83 14.46
C GLY B 152 -10.61 -5.40 15.52
N TRP B 153 -11.06 -5.00 16.70
CA TRP B 153 -10.17 -4.59 17.76
C TRP B 153 -9.73 -5.81 18.56
N LYS B 154 -8.45 -5.85 18.92
CA LYS B 154 -7.90 -6.98 19.68
C LYS B 154 -8.49 -7.08 21.08
N GLY B 155 -8.93 -5.94 21.65
CA GLY B 155 -9.56 -5.90 22.95
C GLY B 155 -11.04 -6.20 22.96
N SER B 156 -11.71 -6.17 21.82
CA SER B 156 -13.17 -6.33 21.75
C SER B 156 -13.64 -7.75 22.02
N PRO B 157 -12.86 -8.80 21.72
CA PRO B 157 -13.19 -10.13 22.27
C PRO B 157 -12.76 -10.28 23.72
N ALA B 158 -11.62 -9.68 24.09
CA ALA B 158 -11.11 -9.79 25.46
C ALA B 158 -12.07 -9.16 26.46
N ILE B 159 -12.63 -8.00 26.11
CA ILE B 159 -13.55 -7.31 27.00
C ILE B 159 -14.90 -8.04 27.07
N PHE B 160 -15.37 -8.56 25.95
CA PHE B 160 -16.63 -9.29 25.92
C PHE B 160 -16.50 -10.77 26.30
N GLN B 161 -15.28 -11.27 26.58
CA GLN B 161 -15.10 -12.69 26.90
C GLN B 161 -15.83 -13.09 28.17
N SER B 162 -16.03 -12.13 29.08
CA SER B 162 -16.80 -12.39 30.30
C SER B 162 -18.30 -12.45 30.01
N SER B 163 -18.85 -11.41 29.39
CA SER B 163 -20.25 -11.42 29.03
C SER B 163 -20.60 -12.59 28.13
N MET B 164 -19.68 -12.97 27.25
CA MET B 164 -19.95 -13.98 26.22
C MET B 164 -20.03 -15.39 26.78
N THR B 165 -19.22 -15.68 27.81
CA THR B 165 -19.27 -17.01 28.44
C THR B 165 -20.63 -17.22 29.13
N LYS B 166 -21.16 -16.18 29.76
CA LYS B 166 -22.53 -16.25 30.29
C LYS B 166 -23.59 -16.30 29.19
N ILE B 167 -23.24 -15.97 27.94
CA ILE B 167 -24.22 -16.01 26.86
C ILE B 167 -24.54 -17.46 26.47
N LEU B 168 -23.51 -18.24 26.18
CA LEU B 168 -23.70 -19.63 25.76
C LEU B 168 -23.54 -20.61 26.93
N GLU B 169 -23.69 -20.15 28.17
CA GLU B 169 -23.68 -21.05 29.33
C GLU B 169 -24.81 -22.08 29.33
N PRO B 170 -26.05 -21.73 28.95
CA PRO B 170 -27.05 -22.78 28.73
C PRO B 170 -26.59 -23.82 27.71
N PHE B 171 -26.14 -23.37 26.54
CA PHE B 171 -25.51 -24.24 25.56
C PHE B 171 -24.19 -24.78 26.10
N LYS B 172 -23.77 -25.92 25.57
CA LYS B 172 -22.49 -26.55 25.92
C LYS B 172 -22.51 -27.13 27.33
N LYS B 173 -23.57 -26.82 28.10
CA LYS B 173 -23.94 -27.65 29.24
C LYS B 173 -24.92 -28.72 28.79
N GLN B 174 -25.75 -28.40 27.80
CA GLN B 174 -26.49 -29.44 27.09
C GLN B 174 -25.57 -30.29 26.22
N ASN B 175 -24.59 -29.66 25.56
CA ASN B 175 -23.75 -30.31 24.55
C ASN B 175 -22.28 -30.22 24.96
N PRO B 176 -21.83 -31.12 25.85
CA PRO B 176 -20.44 -31.06 26.32
C PRO B 176 -19.41 -31.55 25.31
N ASP B 177 -19.83 -31.89 24.09
CA ASP B 177 -18.94 -32.34 23.02
C ASP B 177 -18.58 -31.22 22.04
N ILE B 178 -19.56 -30.40 21.66
CA ILE B 178 -19.34 -29.32 20.69
C ILE B 178 -18.35 -28.31 21.24
N VAL B 179 -17.17 -28.23 20.62
CA VAL B 179 -16.11 -27.32 21.07
C VAL B 179 -16.38 -25.94 20.49
N ILE B 180 -16.36 -24.93 21.36
CA ILE B 180 -16.64 -23.55 20.97
C ILE B 180 -15.37 -22.72 21.15
N TYR B 181 -14.97 -22.01 20.09
CA TYR B 181 -13.82 -21.12 20.09
C TYR B 181 -14.20 -19.78 19.46
N GLN B 182 -13.42 -18.77 19.81
CA GLN B 182 -13.74 -17.40 19.41
C GLN B 182 -12.44 -16.67 19.09
N TYR B 183 -12.43 -16.00 17.94
CA TYR B 183 -11.29 -15.21 17.49
C TYR B 183 -11.85 -13.97 16.81
N MET B 184 -11.47 -12.79 17.31
CA MET B 184 -11.96 -11.52 16.75
C MET B 184 -13.49 -11.57 16.77
N ASP B 185 -14.15 -11.24 15.67
CA ASP B 185 -15.60 -11.18 15.58
C ASP B 185 -16.20 -12.50 15.09
N ASP B 186 -15.48 -13.60 15.27
CA ASP B 186 -15.91 -14.88 14.74
C ASP B 186 -15.97 -15.90 15.86
N LEU B 187 -17.03 -16.71 15.84
CA LEU B 187 -17.21 -17.78 16.79
C LEU B 187 -17.07 -19.08 16.02
N TYR B 188 -16.08 -19.88 16.41
CA TYR B 188 -15.77 -21.15 15.75
C TYR B 188 -16.37 -22.27 16.59
N VAL B 189 -17.48 -22.84 16.12
CA VAL B 189 -18.16 -23.92 16.82
C VAL B 189 -17.93 -25.21 16.04
N GLY B 190 -17.39 -26.21 16.73
CA GLY B 190 -17.05 -27.47 16.09
C GLY B 190 -17.70 -28.65 16.77
N SER B 191 -17.96 -29.70 15.98
CA SER B 191 -18.71 -30.85 16.43
C SER B 191 -18.04 -32.14 15.94
N ASP B 192 -18.19 -33.21 16.72
CA ASP B 192 -17.91 -34.54 16.23
C ASP B 192 -19.13 -35.18 15.59
N LEU B 193 -20.29 -34.51 15.68
CA LEU B 193 -21.52 -35.03 15.12
C LEU B 193 -21.46 -35.08 13.59
N GLU B 194 -22.35 -35.87 13.01
CA GLU B 194 -22.43 -35.98 11.56
C GLU B 194 -23.04 -34.71 10.96
N ILE B 195 -22.97 -34.61 9.63
CA ILE B 195 -23.28 -33.37 8.91
C ILE B 195 -24.69 -32.89 9.24
N GLY B 196 -25.66 -33.81 9.23
CA GLY B 196 -27.02 -33.42 9.60
C GLY B 196 -27.11 -32.94 11.03
N GLN B 197 -26.51 -33.69 11.96
CA GLN B 197 -26.56 -33.34 13.38
C GLN B 197 -25.82 -32.04 13.66
N HIS B 198 -24.75 -31.76 12.90
CA HIS B 198 -24.06 -30.47 13.03
C HIS B 198 -24.89 -29.34 12.42
N ARG B 199 -25.45 -29.56 11.23
CA ARG B 199 -26.26 -28.54 10.59
C ARG B 199 -27.48 -28.14 11.43
N THR B 200 -27.90 -29.00 12.36
CA THR B 200 -29.05 -28.73 13.23
C THR B 200 -28.64 -27.99 14.50
N LYS B 201 -27.76 -28.61 15.31
CA LYS B 201 -27.23 -27.95 16.51
C LYS B 201 -26.68 -26.56 16.20
N ILE B 202 -26.35 -26.32 14.93
CA ILE B 202 -25.96 -24.99 14.47
C ILE B 202 -27.15 -24.03 14.54
N GLU B 203 -28.24 -24.35 13.84
CA GLU B 203 -29.40 -23.47 13.83
C GLU B 203 -29.93 -23.20 15.24
N GLU B 204 -29.78 -24.18 16.15
CA GLU B 204 -30.19 -24.00 17.54
C GLU B 204 -29.32 -22.97 18.26
N LEU B 205 -28.00 -23.10 18.16
CA LEU B 205 -27.10 -22.12 18.76
C LEU B 205 -27.24 -20.74 18.11
N ARG B 206 -27.90 -20.65 16.96
CA ARG B 206 -28.14 -19.36 16.32
C ARG B 206 -29.17 -18.54 17.10
N GLN B 207 -30.39 -19.07 17.25
CA GLN B 207 -31.45 -18.35 17.94
C GLN B 207 -31.13 -18.17 19.42
N HIS B 208 -30.40 -19.12 20.01
CA HIS B 208 -29.90 -18.93 21.37
C HIS B 208 -29.04 -17.66 21.47
N LEU B 209 -28.40 -17.25 20.38
CA LEU B 209 -27.72 -15.96 20.37
C LEU B 209 -28.71 -14.80 20.28
N LEU B 210 -29.85 -15.00 19.63
CA LEU B 210 -30.82 -13.91 19.45
C LEU B 210 -31.45 -13.46 20.77
N ARG B 211 -31.62 -14.37 21.74
CA ARG B 211 -32.30 -14.02 22.99
C ARG B 211 -31.50 -12.99 23.78
N TRP B 212 -30.18 -13.13 23.83
CA TRP B 212 -29.30 -12.14 24.43
C TRP B 212 -28.87 -11.05 23.46
N GLY B 213 -29.19 -11.20 22.17
CA GLY B 213 -28.84 -10.21 21.16
C GLY B 213 -29.91 -9.16 20.98
N PHE B 227 -24.92 -9.59 11.08
CA PHE B 227 -24.50 -10.59 10.10
C PHE B 227 -24.31 -11.97 10.74
N LEU B 228 -25.18 -12.31 11.69
CA LEU B 228 -25.13 -13.62 12.31
C LEU B 228 -25.66 -14.71 11.39
N TRP B 229 -26.45 -14.34 10.36
CA TRP B 229 -27.03 -15.30 9.43
C TRP B 229 -25.97 -16.06 8.64
N MET B 230 -24.77 -15.51 8.50
CA MET B 230 -23.72 -16.15 7.71
C MET B 230 -22.99 -17.21 8.54
N GLY B 231 -22.46 -18.21 7.85
CA GLY B 231 -21.67 -19.25 8.48
C GLY B 231 -20.91 -20.04 7.43
N TYR B 232 -19.87 -20.74 7.88
CA TYR B 232 -19.01 -21.53 7.01
C TYR B 232 -18.91 -22.97 7.54
N GLU B 233 -18.68 -23.92 6.63
CA GLU B 233 -18.46 -25.33 6.95
C GLU B 233 -17.02 -25.68 6.57
N LEU B 234 -16.26 -26.23 7.51
CA LEU B 234 -14.86 -26.58 7.25
C LEU B 234 -14.47 -27.83 8.02
N HIS B 235 -13.92 -28.83 7.32
CA HIS B 235 -13.60 -30.15 7.85
C HIS B 235 -12.11 -30.40 7.76
N PRO B 236 -11.55 -31.24 8.64
CA PRO B 236 -10.09 -31.37 8.73
C PRO B 236 -9.48 -32.08 7.52
N ASP B 237 -8.15 -31.98 7.43
CA ASP B 237 -7.38 -32.56 6.35
C ASP B 237 -6.64 -33.79 6.87
N LYS B 238 -6.50 -34.79 5.99
CA LYS B 238 -5.97 -36.09 6.38
C LYS B 238 -4.57 -35.96 6.93
N TRP B 239 -3.72 -35.19 6.26
CA TRP B 239 -2.33 -34.98 6.63
C TRP B 239 -2.15 -33.54 7.07
N THR B 240 -1.62 -33.34 8.27
CA THR B 240 -1.21 -31.99 8.63
C THR B 240 -0.07 -31.55 7.73
N VAL B 241 0.99 -32.37 7.66
CA VAL B 241 2.10 -32.17 6.73
C VAL B 241 1.99 -33.26 5.67
N GLN B 242 1.58 -32.89 4.45
CA GLN B 242 1.46 -33.86 3.38
C GLN B 242 2.81 -34.53 3.11
N PRO B 243 2.82 -35.82 2.77
CA PRO B 243 4.08 -36.50 2.47
C PRO B 243 4.75 -35.96 1.19
N ILE B 244 6.08 -36.14 1.16
CA ILE B 244 6.84 -35.82 -0.08
C ILE B 244 6.81 -37.12 -0.88
N VAL B 245 6.39 -37.07 -2.14
CA VAL B 245 6.23 -38.33 -2.93
C VAL B 245 7.26 -38.39 -4.05
N LEU B 246 7.92 -39.54 -4.22
CA LEU B 246 8.89 -39.73 -5.32
C LEU B 246 8.18 -40.50 -6.44
N PRO B 247 8.52 -40.33 -7.74
CA PRO B 247 7.79 -40.97 -8.84
C PRO B 247 7.94 -42.47 -8.79
N GLU B 248 7.01 -43.17 -9.44
CA GLU B 248 7.09 -44.65 -9.54
C GLU B 248 7.04 -44.96 -11.03
N LYS B 249 8.19 -45.24 -11.64
CA LYS B 249 8.29 -45.43 -13.08
C LYS B 249 8.89 -46.79 -13.41
N ASP B 250 8.60 -47.24 -14.62
CA ASP B 250 9.22 -48.44 -15.13
C ASP B 250 10.46 -48.16 -15.96
N SER B 251 10.60 -46.94 -16.49
CA SER B 251 11.81 -46.53 -17.18
C SER B 251 12.10 -45.10 -16.76
N TRP B 252 13.37 -44.79 -16.63
CA TRP B 252 13.82 -43.45 -16.23
C TRP B 252 14.73 -42.86 -17.29
N THR B 253 14.38 -41.67 -17.77
CA THR B 253 15.34 -40.91 -18.55
C THR B 253 16.34 -40.18 -17.62
N VAL B 254 17.42 -39.66 -18.22
CA VAL B 254 18.41 -38.88 -17.47
C VAL B 254 17.75 -37.66 -16.82
N ASN B 255 16.82 -37.05 -17.53
CA ASN B 255 16.13 -35.94 -16.93
C ASN B 255 15.34 -36.41 -15.71
N ASP B 256 14.62 -37.55 -15.84
CA ASP B 256 13.86 -38.06 -14.69
C ASP B 256 14.77 -38.25 -13.49
N ILE B 257 15.92 -38.90 -13.69
CA ILE B 257 16.83 -39.10 -12.55
C ILE B 257 17.38 -37.76 -12.07
N GLN B 258 17.62 -36.82 -12.99
CA GLN B 258 18.19 -35.55 -12.56
C GLN B 258 17.21 -34.81 -11.64
N LYS B 259 15.90 -34.84 -11.97
CA LYS B 259 14.94 -34.20 -11.06
C LYS B 259 14.85 -34.98 -9.75
N LEU B 260 14.81 -36.31 -9.83
CA LEU B 260 14.76 -37.12 -8.62
C LEU B 260 15.89 -36.76 -7.68
N VAL B 261 17.12 -36.78 -8.19
CA VAL B 261 18.26 -36.49 -7.33
C VAL B 261 18.13 -35.09 -6.74
N GLY B 262 17.70 -34.13 -7.54
CA GLY B 262 17.53 -32.78 -7.04
C GLY B 262 16.49 -32.71 -5.93
N LYS B 263 15.43 -33.52 -6.05
CA LYS B 263 14.41 -33.50 -5.00
C LYS B 263 14.87 -34.21 -3.73
N LEU B 264 15.57 -35.35 -3.85
CA LEU B 264 16.07 -36.05 -2.66
C LEU B 264 17.13 -35.23 -1.95
N ASN B 265 17.96 -34.51 -2.71
CA ASN B 265 18.94 -33.59 -2.12
C ASN B 265 18.25 -32.49 -1.31
N TRP B 266 17.14 -31.97 -1.81
CA TRP B 266 16.38 -30.98 -1.06
C TRP B 266 15.73 -31.62 0.18
N ALA B 267 15.14 -32.79 0.01
CA ALA B 267 14.56 -33.45 1.16
C ALA B 267 15.60 -33.82 2.20
N SER B 268 16.89 -33.86 1.85
CA SER B 268 17.89 -34.22 2.84
C SER B 268 18.02 -33.16 3.92
N GLN B 269 17.67 -31.91 3.60
CA GLN B 269 17.69 -30.90 4.65
C GLN B 269 16.59 -31.12 5.69
N ILE B 270 15.47 -31.73 5.30
CA ILE B 270 14.40 -32.01 6.25
C ILE B 270 14.58 -33.37 6.88
N TYR B 271 14.88 -34.37 6.07
CA TYR B 271 14.81 -35.78 6.45
C TYR B 271 16.19 -36.41 6.38
N PRO B 272 17.16 -35.96 7.18
CA PRO B 272 18.50 -36.56 7.06
C PRO B 272 18.41 -38.08 7.22
N GLY B 273 19.28 -38.76 6.48
CA GLY B 273 19.16 -40.18 6.24
C GLY B 273 18.93 -40.49 4.79
N ILE B 274 18.55 -39.47 4.02
CA ILE B 274 18.38 -39.54 2.57
C ILE B 274 19.76 -39.63 1.93
N LYS B 275 19.99 -40.71 1.20
CA LYS B 275 21.23 -40.88 0.46
C LYS B 275 20.93 -40.84 -1.04
N VAL B 276 21.79 -40.18 -1.81
CA VAL B 276 21.58 -40.03 -3.26
C VAL B 276 22.67 -40.67 -4.12
N ARG B 277 23.78 -41.15 -3.57
CA ARG B 277 24.98 -41.40 -4.37
C ARG B 277 24.79 -42.53 -5.38
N GLN B 278 24.09 -43.59 -5.00
CA GLN B 278 23.86 -44.67 -5.97
C GLN B 278 23.04 -44.19 -7.16
N LEU B 279 22.14 -43.22 -6.95
CA LEU B 279 21.41 -42.62 -8.07
C LEU B 279 22.31 -41.70 -8.89
N SER B 280 23.11 -40.86 -8.21
CA SER B 280 24.09 -40.01 -8.88
C SER B 280 25.09 -40.81 -9.71
N LYS B 281 25.45 -42.01 -9.27
CA LYS B 281 26.35 -42.83 -10.08
C LYS B 281 25.75 -43.11 -11.44
N LEU B 282 24.43 -43.22 -11.52
CA LEU B 282 23.82 -43.54 -12.83
C LEU B 282 23.89 -42.31 -13.73
N LEU B 283 24.24 -41.14 -13.19
CA LEU B 283 24.20 -39.94 -14.01
C LEU B 283 25.52 -39.67 -14.72
N ARG B 284 26.66 -39.86 -14.03
CA ARG B 284 28.00 -39.57 -14.54
C ARG B 284 28.14 -39.93 -16.01
N GLY B 285 28.72 -39.03 -16.77
CA GLY B 285 28.66 -39.34 -18.19
C GLY B 285 27.71 -38.37 -18.87
N THR B 286 28.07 -37.99 -20.06
CA THR B 286 27.37 -36.86 -20.67
C THR B 286 26.18 -37.37 -21.46
N LYS B 287 25.28 -38.11 -20.82
CA LYS B 287 24.25 -38.68 -21.67
C LYS B 287 23.25 -37.59 -22.04
N ALA B 288 22.56 -37.80 -23.16
CA ALA B 288 21.50 -36.90 -23.59
C ALA B 288 20.32 -36.95 -22.59
N LEU B 289 19.58 -35.83 -22.49
CA LEU B 289 18.61 -35.69 -21.40
C LEU B 289 17.41 -36.64 -21.54
N THR B 290 16.95 -36.90 -22.76
CA THR B 290 15.84 -37.80 -22.97
C THR B 290 16.27 -39.27 -23.13
N GLU B 291 17.48 -39.63 -22.76
CA GLU B 291 17.85 -41.04 -22.87
C GLU B 291 17.39 -41.82 -21.66
N VAL B 292 16.67 -42.91 -21.91
CA VAL B 292 16.37 -43.86 -20.85
C VAL B 292 17.65 -44.46 -20.28
N ILE B 293 17.72 -44.51 -18.96
CA ILE B 293 18.77 -45.20 -18.21
C ILE B 293 18.12 -46.37 -17.49
N PRO B 294 18.70 -47.56 -17.54
CA PRO B 294 18.24 -48.62 -16.65
C PRO B 294 18.78 -48.38 -15.25
N LEU B 295 17.91 -48.58 -14.27
CA LEU B 295 18.35 -48.48 -12.89
C LEU B 295 19.12 -49.75 -12.50
N THR B 296 20.28 -49.54 -11.86
CA THR B 296 21.06 -50.60 -11.25
C THR B 296 20.37 -51.13 -10.00
N GLU B 297 20.78 -52.33 -9.58
CA GLU B 297 20.24 -52.93 -8.36
C GLU B 297 20.57 -52.10 -7.13
N GLU B 298 21.75 -51.47 -7.11
CA GLU B 298 22.08 -50.55 -6.04
C GLU B 298 21.12 -49.37 -6.02
N ALA B 299 20.97 -48.70 -7.17
CA ALA B 299 20.13 -47.50 -7.21
C ALA B 299 18.68 -47.84 -6.87
N GLU B 300 18.13 -48.93 -7.45
CA GLU B 300 16.77 -49.36 -7.10
C GLU B 300 16.63 -49.55 -5.58
N LEU B 301 17.67 -50.07 -4.93
CA LEU B 301 17.58 -50.25 -3.48
C LEU B 301 17.57 -48.90 -2.77
N GLU B 302 18.44 -47.99 -3.19
CA GLU B 302 18.55 -46.69 -2.52
C GLU B 302 17.27 -45.88 -2.68
N LEU B 303 16.67 -45.94 -3.85
CA LEU B 303 15.35 -45.34 -4.02
C LEU B 303 14.35 -45.94 -3.04
N ALA B 304 14.43 -47.26 -2.81
CA ALA B 304 13.45 -47.88 -1.91
C ALA B 304 13.65 -47.45 -0.46
N GLU B 305 14.89 -47.43 0.02
CA GLU B 305 15.10 -46.96 1.40
C GLU B 305 14.67 -45.50 1.53
N ASN B 306 14.88 -44.70 0.48
CA ASN B 306 14.54 -43.28 0.54
C ASN B 306 13.04 -43.09 0.72
N ARG B 307 12.24 -43.88 0.01
CA ARG B 307 10.81 -43.84 0.25
C ARG B 307 10.50 -44.07 1.73
N GLU B 308 11.06 -45.14 2.31
CA GLU B 308 10.67 -45.52 3.67
C GLU B 308 10.94 -44.38 4.63
N ILE B 309 12.05 -43.68 4.45
CA ILE B 309 12.29 -42.47 5.22
C ILE B 309 11.14 -41.48 5.04
N LEU B 310 10.67 -41.31 3.81
CA LEU B 310 9.67 -40.26 3.62
C LEU B 310 8.28 -40.68 4.09
N LYS B 311 8.05 -41.97 4.36
CA LYS B 311 6.74 -42.41 4.84
C LYS B 311 6.48 -41.90 6.27
N GLU B 312 7.49 -41.91 7.11
CA GLU B 312 7.32 -41.31 8.43
C GLU B 312 7.26 -39.79 8.38
N PRO B 313 6.44 -39.17 9.22
CA PRO B 313 6.51 -37.72 9.38
C PRO B 313 7.88 -37.25 9.89
N VAL B 314 8.13 -35.95 9.70
CA VAL B 314 9.36 -35.34 10.20
C VAL B 314 9.35 -35.36 11.72
N HIS B 315 10.48 -35.74 12.33
CA HIS B 315 10.46 -36.08 13.75
C HIS B 315 11.00 -34.94 14.61
N GLY B 316 10.37 -34.77 15.78
CA GLY B 316 10.70 -33.70 16.70
C GLY B 316 10.38 -32.33 16.16
N VAL B 317 9.14 -32.12 15.73
CA VAL B 317 8.67 -30.82 15.27
C VAL B 317 7.55 -30.37 16.20
N TYR B 318 7.83 -29.35 17.00
CA TYR B 318 6.90 -28.85 17.99
C TYR B 318 6.52 -27.43 17.67
N TYR B 319 5.26 -27.11 17.92
CA TYR B 319 4.82 -25.74 17.95
C TYR B 319 5.39 -25.02 19.18
N ASP B 320 5.43 -23.69 19.10
CA ASP B 320 5.94 -22.85 20.18
C ASP B 320 5.12 -21.56 20.23
N PRO B 321 4.21 -21.42 21.20
CA PRO B 321 3.30 -20.26 21.20
C PRO B 321 3.99 -18.92 21.35
N SER B 322 5.24 -18.89 21.82
CA SER B 322 5.92 -17.60 21.87
C SER B 322 6.25 -17.14 20.46
N LYS B 323 6.65 -18.07 19.59
CA LYS B 323 7.22 -17.86 18.26
C LYS B 323 6.16 -17.40 17.24
N ASP B 324 6.64 -16.88 16.12
CA ASP B 324 5.77 -16.42 15.04
C ASP B 324 5.58 -17.54 14.02
N LEU B 325 4.37 -17.63 13.46
CA LEU B 325 4.06 -18.57 12.39
C LEU B 325 4.28 -17.89 11.03
N ILE B 326 5.15 -18.47 10.22
CA ILE B 326 5.46 -17.98 8.87
C ILE B 326 4.68 -18.81 7.84
N ALA B 327 4.01 -18.16 6.90
CA ALA B 327 3.37 -18.90 5.81
C ALA B 327 3.98 -18.51 4.46
N GLU B 328 4.31 -19.50 3.65
CA GLU B 328 4.84 -19.34 2.31
C GLU B 328 3.85 -19.88 1.29
N ILE B 329 3.70 -19.21 0.15
CA ILE B 329 2.72 -19.61 -0.86
C ILE B 329 3.37 -19.62 -2.23
N GLN B 330 3.21 -20.71 -2.96
CA GLN B 330 3.66 -20.84 -4.33
C GLN B 330 2.47 -20.92 -5.26
N LYS B 331 2.50 -20.14 -6.34
CA LYS B 331 1.56 -20.33 -7.43
C LYS B 331 2.05 -21.49 -8.34
N GLN B 332 1.22 -22.51 -8.50
CA GLN B 332 1.59 -23.68 -9.26
C GLN B 332 1.13 -23.67 -10.72
N GLY B 333 0.26 -22.76 -11.11
CA GLY B 333 -0.41 -22.88 -12.38
C GLY B 333 -1.72 -23.67 -12.30
N GLN B 334 -2.59 -23.37 -13.27
CA GLN B 334 -3.95 -23.93 -13.36
C GLN B 334 -4.72 -23.77 -12.06
N GLY B 335 -4.68 -22.56 -11.49
CA GLY B 335 -5.43 -22.32 -10.28
C GLY B 335 -5.05 -23.18 -9.10
N GLN B 336 -3.84 -23.75 -9.10
CA GLN B 336 -3.36 -24.48 -7.93
C GLN B 336 -2.33 -23.66 -7.20
N TRP B 337 -2.39 -23.73 -5.87
CA TRP B 337 -1.50 -23.00 -5.00
C TRP B 337 -1.05 -23.95 -3.90
N THR B 338 0.24 -23.97 -3.59
CA THR B 338 0.72 -24.79 -2.50
C THR B 338 1.19 -23.86 -1.40
N TYR B 339 1.06 -24.31 -0.15
CA TYR B 339 1.46 -23.48 0.99
C TYR B 339 2.11 -24.33 2.08
N GLN B 340 2.87 -23.66 2.95
CA GLN B 340 3.53 -24.28 4.10
C GLN B 340 3.55 -23.30 5.26
N ILE B 341 3.24 -23.79 6.46
CA ILE B 341 3.26 -23.04 7.71
C ILE B 341 4.36 -23.61 8.60
N TYR B 342 5.24 -22.73 9.08
CA TYR B 342 6.34 -23.18 9.90
C TYR B 342 6.79 -22.04 10.79
N GLN B 343 7.60 -22.37 11.79
CA GLN B 343 8.27 -21.36 12.60
C GLN B 343 9.76 -21.33 12.37
N GLU B 344 10.33 -22.49 12.17
CA GLU B 344 11.71 -22.72 11.82
C GLU B 344 11.76 -23.42 10.47
N PRO B 345 12.66 -23.03 9.58
CA PRO B 345 12.63 -23.58 8.22
C PRO B 345 12.97 -25.06 8.22
N PHE B 346 12.32 -25.80 7.32
CA PHE B 346 12.43 -27.25 7.20
C PHE B 346 11.78 -28.00 8.34
N LYS B 347 10.98 -27.33 9.17
CA LYS B 347 10.17 -27.99 10.18
C LYS B 347 8.77 -27.43 10.00
N ASN B 348 8.02 -28.00 9.06
CA ASN B 348 6.71 -27.47 8.74
C ASN B 348 5.72 -27.95 9.77
N LEU B 349 4.89 -27.06 10.27
CA LEU B 349 3.79 -27.52 11.10
C LEU B 349 2.64 -28.00 10.23
N LYS B 350 2.41 -27.37 9.09
CA LYS B 350 1.35 -27.77 8.17
C LYS B 350 1.75 -27.46 6.74
N THR B 351 1.17 -28.19 5.80
CA THR B 351 1.42 -27.98 4.37
C THR B 351 0.17 -28.39 3.61
N GLY B 352 -0.07 -27.79 2.46
CA GLY B 352 -1.38 -27.93 1.85
C GLY B 352 -1.42 -27.37 0.43
N LYS B 353 -2.52 -27.67 -0.24
CA LYS B 353 -2.71 -27.23 -1.61
C LYS B 353 -4.16 -26.83 -1.79
N TYR B 354 -4.40 -25.58 -2.21
N TYR B 354 -4.37 -25.59 -2.22
CA TYR B 354 -5.71 -25.08 -2.60
CA TYR B 354 -5.65 -25.10 -2.67
C TYR B 354 -5.79 -25.02 -4.13
C TYR B 354 -5.70 -25.19 -4.19
N ALA B 355 -6.88 -25.52 -4.70
CA ALA B 355 -7.10 -25.60 -6.15
C ALA B 355 -8.43 -24.97 -6.53
N ARG B 356 -8.84 -25.17 -7.79
CA ARG B 356 -9.97 -24.45 -8.38
C ARG B 356 -10.32 -25.16 -9.71
N MET B 357 -11.25 -24.58 -10.47
CA MET B 357 -11.64 -25.12 -11.79
C MET B 357 -11.84 -24.00 -12.84
N ALA B 360 -11.77 -17.79 -10.05
CA ALA B 360 -11.40 -16.77 -11.01
C ALA B 360 -10.94 -17.37 -12.37
N HIS B 361 -9.76 -17.99 -12.37
CA HIS B 361 -9.06 -18.55 -13.53
C HIS B 361 -8.77 -17.53 -14.61
N THR B 362 -9.13 -16.26 -14.35
CA THR B 362 -8.66 -15.05 -15.04
C THR B 362 -7.91 -14.11 -14.13
N ASN B 363 -8.13 -14.18 -12.80
CA ASN B 363 -7.56 -13.22 -11.86
C ASN B 363 -6.66 -13.90 -10.83
N ASP B 364 -5.34 -13.85 -11.06
CA ASP B 364 -4.36 -14.40 -10.11
C ASP B 364 -4.53 -13.81 -8.73
N VAL B 365 -4.80 -12.50 -8.67
CA VAL B 365 -4.84 -11.83 -7.39
C VAL B 365 -6.07 -12.25 -6.62
N LYS B 366 -7.18 -12.48 -7.30
CA LYS B 366 -8.36 -12.97 -6.59
C LYS B 366 -8.04 -14.28 -5.92
N GLN B 367 -7.40 -15.19 -6.66
CA GLN B 367 -7.08 -16.49 -6.09
C GLN B 367 -6.15 -16.36 -4.90
N LEU B 368 -5.10 -15.54 -5.05
CA LEU B 368 -4.12 -15.44 -3.98
C LEU B 368 -4.76 -14.97 -2.69
N THR B 369 -5.65 -13.95 -2.77
CA THR B 369 -6.18 -13.36 -1.54
C THR B 369 -7.15 -14.31 -0.86
N GLU B 370 -7.93 -15.08 -1.63
CA GLU B 370 -8.69 -16.17 -1.02
C GLU B 370 -7.77 -17.22 -0.36
N ALA B 371 -6.70 -17.60 -1.04
CA ALA B 371 -5.78 -18.57 -0.46
C ALA B 371 -5.18 -18.06 0.84
N VAL B 372 -4.79 -16.78 0.88
CA VAL B 372 -4.27 -16.21 2.12
C VAL B 372 -5.35 -16.25 3.20
N GLN B 373 -6.61 -16.02 2.80
CA GLN B 373 -7.75 -16.08 3.72
C GLN B 373 -7.98 -17.48 4.29
N LYS B 374 -8.13 -18.49 3.42
CA LYS B 374 -8.26 -19.89 3.84
C LYS B 374 -7.15 -20.31 4.78
N ILE B 375 -5.89 -20.01 4.43
CA ILE B 375 -4.76 -20.38 5.27
C ILE B 375 -4.86 -19.72 6.65
N THR B 376 -5.24 -18.43 6.68
CA THR B 376 -5.31 -17.73 7.96
C THR B 376 -6.38 -18.33 8.86
N THR B 377 -7.57 -18.61 8.31
CA THR B 377 -8.66 -19.24 9.05
C THR B 377 -8.27 -20.61 9.60
N GLU B 378 -7.65 -21.46 8.76
CA GLU B 378 -7.09 -22.72 9.24
C GLU B 378 -6.18 -22.48 10.43
N SER B 379 -5.34 -21.46 10.31
CA SER B 379 -4.33 -21.15 11.32
C SER B 379 -4.99 -20.71 12.63
N ILE B 380 -6.17 -20.09 12.53
CA ILE B 380 -6.95 -19.73 13.70
C ILE B 380 -7.56 -20.97 14.32
N VAL B 381 -7.96 -21.94 13.49
CA VAL B 381 -8.54 -23.17 14.03
C VAL B 381 -7.48 -24.02 14.73
N ILE B 382 -6.25 -24.03 14.24
CA ILE B 382 -5.24 -24.92 14.81
C ILE B 382 -4.55 -24.30 16.03
N TRP B 383 -4.04 -23.07 15.91
CA TRP B 383 -3.26 -22.50 17.01
C TRP B 383 -3.90 -21.30 17.66
N GLY B 384 -5.00 -20.80 17.10
CA GLY B 384 -5.56 -19.55 17.56
C GLY B 384 -4.62 -18.37 17.48
N LYS B 385 -3.83 -18.29 16.41
CA LYS B 385 -3.25 -17.02 16.01
C LYS B 385 -2.92 -17.08 14.52
N THR B 386 -3.16 -15.95 13.83
CA THR B 386 -2.92 -15.84 12.41
C THR B 386 -1.43 -15.75 12.09
N PRO B 387 -1.00 -16.21 10.91
CA PRO B 387 0.42 -16.16 10.55
C PRO B 387 0.87 -14.92 9.79
N LYS B 388 2.16 -14.89 9.47
CA LYS B 388 2.76 -13.90 8.61
C LYS B 388 3.11 -14.54 7.27
N PHE B 389 2.58 -13.98 6.19
CA PHE B 389 2.70 -14.56 4.87
C PHE B 389 3.94 -14.04 4.16
N LYS B 390 4.43 -14.84 3.24
CA LYS B 390 5.40 -14.38 2.26
C LYS B 390 4.72 -14.70 0.93
N LEU B 391 4.12 -13.66 0.33
CA LEU B 391 3.28 -13.74 -0.86
C LEU B 391 4.15 -13.71 -2.11
N PRO B 392 3.92 -14.60 -3.07
CA PRO B 392 4.60 -14.51 -4.36
C PRO B 392 3.94 -13.44 -5.24
N ILE B 393 4.05 -12.18 -4.83
CA ILE B 393 3.41 -11.07 -5.51
C ILE B 393 4.23 -9.80 -5.29
N GLN B 394 4.06 -8.83 -6.20
CA GLN B 394 4.73 -7.53 -6.08
C GLN B 394 3.91 -6.62 -5.18
N LYS B 395 4.60 -5.97 -4.24
CA LYS B 395 3.93 -5.15 -3.23
C LYS B 395 2.94 -4.21 -3.87
N GLU B 396 3.36 -3.51 -4.93
CA GLU B 396 2.48 -2.48 -5.47
C GLU B 396 1.25 -3.09 -6.12
N THR B 397 1.41 -4.25 -6.75
CA THR B 397 0.26 -4.91 -7.33
C THR B 397 -0.68 -5.41 -6.25
N TRP B 398 -0.16 -6.12 -5.24
CA TRP B 398 -0.98 -6.61 -4.14
C TRP B 398 -1.66 -5.47 -3.41
N GLU B 399 -0.89 -4.44 -3.08
CA GLU B 399 -1.42 -3.24 -2.45
C GLU B 399 -2.62 -2.66 -3.20
N THR B 400 -2.57 -2.67 -4.55
CA THR B 400 -3.65 -2.05 -5.30
C THR B 400 -4.97 -2.83 -5.14
N TRP B 401 -4.94 -4.16 -5.22
CA TRP B 401 -6.20 -4.90 -5.46
C TRP B 401 -6.73 -5.78 -4.33
N TRP B 402 -5.93 -6.12 -3.29
CA TRP B 402 -6.37 -7.17 -2.34
C TRP B 402 -7.67 -6.80 -1.63
N THR B 403 -7.87 -5.51 -1.35
CA THR B 403 -9.08 -5.12 -0.63
C THR B 403 -10.32 -5.33 -1.46
N GLU B 404 -10.18 -5.60 -2.75
CA GLU B 404 -11.34 -5.84 -3.59
C GLU B 404 -11.85 -7.25 -3.49
N TYR B 405 -11.06 -8.14 -2.91
CA TYR B 405 -11.44 -9.53 -2.80
C TYR B 405 -11.44 -9.97 -1.35
N TRP B 406 -10.87 -9.17 -0.45
CA TRP B 406 -10.86 -9.54 0.95
C TRP B 406 -12.27 -9.66 1.49
N GLN B 407 -12.50 -10.67 2.33
CA GLN B 407 -13.84 -10.85 2.87
C GLN B 407 -13.86 -11.27 4.33
N ALA B 408 -12.73 -11.28 5.03
CA ALA B 408 -12.66 -11.67 6.43
C ALA B 408 -12.60 -10.43 7.30
N THR B 409 -13.11 -10.54 8.52
CA THR B 409 -13.10 -9.40 9.42
C THR B 409 -11.72 -9.15 10.05
N TRP B 410 -10.76 -10.07 9.90
CA TRP B 410 -9.39 -9.89 10.37
C TRP B 410 -8.44 -9.68 9.19
N ILE B 411 -7.20 -9.31 9.48
CA ILE B 411 -6.18 -9.12 8.44
C ILE B 411 -4.82 -9.59 8.94
N PRO B 412 -4.21 -10.58 8.32
CA PRO B 412 -2.85 -10.95 8.74
C PRO B 412 -1.81 -9.88 8.39
N GLU B 413 -0.57 -10.12 8.76
CA GLU B 413 0.54 -9.32 8.25
C GLU B 413 1.13 -10.03 7.03
N TRP B 414 1.82 -9.26 6.18
CA TRP B 414 2.40 -9.88 4.99
C TRP B 414 3.66 -9.17 4.53
N GLU B 415 4.40 -9.87 3.68
CA GLU B 415 5.60 -9.37 3.02
C GLU B 415 5.65 -10.00 1.63
N PHE B 416 6.72 -9.75 0.88
CA PHE B 416 6.68 -10.01 -0.55
C PHE B 416 7.95 -10.69 -1.07
N VAL B 417 7.77 -11.77 -1.83
CA VAL B 417 8.86 -12.62 -2.28
C VAL B 417 9.28 -12.22 -3.68
N ASN B 418 10.48 -11.66 -3.83
CA ASN B 418 10.92 -11.15 -5.12
C ASN B 418 11.93 -12.03 -5.82
N THR B 419 12.29 -13.18 -5.26
CA THR B 419 13.17 -14.11 -5.96
C THR B 419 12.42 -15.42 -6.22
N PRO B 420 12.50 -15.97 -7.43
CA PRO B 420 11.77 -17.20 -7.73
C PRO B 420 12.37 -18.39 -7.00
N PRO B 421 11.72 -18.90 -5.96
CA PRO B 421 12.23 -20.10 -5.28
C PRO B 421 12.18 -21.30 -6.22
N LEU B 422 13.32 -21.98 -6.39
CA LEU B 422 13.36 -23.18 -7.26
C LEU B 422 12.72 -24.37 -6.53
N VAL B 423 12.17 -24.13 -5.34
CA VAL B 423 11.59 -25.24 -4.53
C VAL B 423 10.09 -25.37 -4.80
N LYS B 424 9.57 -24.64 -5.79
CA LYS B 424 8.11 -24.66 -6.08
C LYS B 424 7.72 -26.05 -6.61
N LEU B 425 8.53 -26.60 -7.52
CA LEU B 425 8.20 -27.89 -8.13
C LEU B 425 8.38 -29.01 -7.10
N TRP B 426 9.31 -28.83 -6.16
CA TRP B 426 9.44 -29.84 -5.12
C TRP B 426 8.22 -29.90 -4.21
N TYR B 427 7.48 -28.82 -4.07
CA TYR B 427 6.16 -28.86 -3.44
C TYR B 427 5.04 -29.19 -4.44
N GLN B 428 5.39 -29.51 -5.68
CA GLN B 428 4.46 -30.13 -6.63
C GLN B 428 4.58 -31.67 -6.60
C19 VU8 C . -16.51 22.54 -9.90
C18 VU8 C . -17.01 27.06 -15.31
C17 VU8 C . -15.98 27.34 -14.51
C3 VU8 C . -16.29 24.10 -7.58
C4 VU8 C . -15.51 24.35 -8.68
N1 VU8 C . -10.14 28.95 -7.85
C5 VU8 C . -13.36 25.34 -8.26
C6 VU8 C . -12.66 26.54 -8.28
C7 VU8 C . -11.40 26.62 -7.75
C8 VU8 C . -10.67 27.96 -7.80
C9 VU8 C . -10.83 25.50 -7.18
N2 VU8 C . -15.19 24.91 -13.75
C11 VU8 C . -12.81 24.21 -7.67
C12 VU8 C . -15.64 23.61 -9.82
C16 VU8 C . -15.02 26.35 -13.84
C13 VU8 C . -14.87 23.32 -12.03
C14 VU8 C . -14.15 24.17 -13.09
C15 VU8 C . -16.32 24.19 -14.31
O3 VU8 C . -14.01 26.75 -13.34
O2 VU8 C . -14.82 24.05 -10.85
C10 VU8 C . -11.52 24.29 -7.14
O1 VU8 C . -14.63 25.41 -8.81
C2 VU8 C . -17.16 23.03 -7.64
C1 VU8 C . -17.27 22.26 -8.78
CL1 VU8 C . -18.39 20.88 -8.83
CL2 VU8 C . -10.75 22.86 -6.37
#